data_5FYR
#
_entry.id   5FYR
#
_cell.length_a   135.443
_cell.length_b   135.443
_cell.length_c   113.732
_cell.angle_alpha   90.00
_cell.angle_beta   90.00
_cell.angle_gamma   90.00
#
_symmetry.space_group_name_H-M   'P 43 21 2'
#
loop_
_entity.id
_entity.type
_entity.pdbx_description
1 polymer 'PHOSPHOINOSITOL-SPECIFIC PHOSPHOLIPASE C'
2 non-polymer 1,2,3,4,5,6-HEXAHYDROXY-CYCLOHEXANE
3 non-polymer 'CALCIUM ION'
4 non-polymer 'PHOSPHATE ION'
5 water water
#
_entity_poly.entity_id   1
_entity_poly.type   'polypeptide(L)'
_entity_poly.pdbx_seq_one_letter_code
;AQESPAFIDPASWNTPFNGIAQVACHNCYEKQYANTFSSVLDSVRTLELDFWDQRDAVSGGSPHHWFVRHNPGTLFQSGN
DNNCTGDGTGKNDLEACLNDVKNWSDKHPGHFPITLILDKKQGWSKESSGRTPKDFDELVARVFQGKLFTPQDLATHIGS
GAGALQGNLKGKSWPTANDLQGKVLLVLNHSENQKLSQYAEARTSKAKVFISPVTNGQNDISGKVSGMSSQSSGYVAMNN
MGKGDKSWAKQAFAYSHIGRVWGDDEVSFAQHINQKINLSAYYRFAAQSAGGYRIRPF
;
_entity_poly.pdbx_strand_id   A,B,C,D
#
loop_
_chem_comp.id
_chem_comp.type
_chem_comp.name
_chem_comp.formula
CA non-polymer 'CALCIUM ION' 'Ca 2'
INS non-polymer 1,2,3,4,5,6-HEXAHYDROXY-CYCLOHEXANE 'C6 H12 O6'
PO4 non-polymer 'PHOSPHATE ION' 'O4 P -3'
#
# COMPACT_ATOMS: atom_id res chain seq x y z
N GLN A 2 2.91 28.33 23.30
CA GLN A 2 4.41 28.32 23.16
CA GLN A 2 4.41 28.27 23.15
C GLN A 2 5.00 27.53 24.33
N GLU A 3 5.83 26.53 24.05
CA GLU A 3 6.36 25.69 25.14
C GLU A 3 7.49 26.38 25.90
N SER A 4 7.80 25.87 27.09
CA SER A 4 8.90 26.45 27.81
C SER A 4 9.65 25.45 28.67
N PRO A 5 10.18 24.39 28.03
CA PRO A 5 11.06 23.52 28.76
C PRO A 5 12.31 24.28 29.13
N ALA A 6 12.93 23.87 30.23
CA ALA A 6 14.07 24.57 30.80
C ALA A 6 15.26 24.66 29.87
N PHE A 7 15.38 23.70 28.97
CA PHE A 7 16.55 23.68 28.09
C PHE A 7 16.52 24.70 26.95
N ILE A 8 15.39 25.37 26.73
CA ILE A 8 15.30 26.37 25.67
C ILE A 8 15.43 27.78 26.30
N ASP A 9 16.46 28.52 25.85
CA ASP A 9 16.63 29.92 26.20
C ASP A 9 15.41 30.66 25.64
N PRO A 10 14.63 31.34 26.52
CA PRO A 10 13.45 32.07 26.00
C PRO A 10 13.74 33.12 24.92
N ALA A 11 14.98 33.62 24.86
CA ALA A 11 15.37 34.54 23.78
C ALA A 11 15.28 33.89 22.39
N SER A 12 15.29 32.54 22.34
CA SER A 12 15.22 31.84 21.07
C SER A 12 13.97 32.15 20.26
N TRP A 13 12.84 32.37 20.95
CA TRP A 13 11.55 32.40 20.23
C TRP A 13 11.46 33.50 19.21
N ASN A 14 11.98 34.70 19.52
CA ASN A 14 11.93 35.80 18.58
C ASN A 14 13.21 35.89 17.70
N THR A 15 13.98 34.82 17.62
CA THR A 15 15.21 34.75 16.82
C THR A 15 14.91 33.99 15.53
N PRO A 16 15.36 34.50 14.38
CA PRO A 16 15.29 33.72 13.16
C PRO A 16 15.91 32.34 13.35
N PHE A 17 15.35 31.35 12.69
CA PHE A 17 15.80 29.97 12.92
C PHE A 17 17.29 29.81 12.63
N ASN A 18 17.77 30.49 11.59
CA ASN A 18 19.21 30.46 11.26
C ASN A 18 20.13 31.12 12.29
N GLY A 19 19.56 31.89 13.22
CA GLY A 19 20.31 32.54 14.27
C GLY A 19 20.29 31.76 15.58
N ILE A 20 19.80 30.51 15.56
CA ILE A 20 19.62 29.71 16.73
C ILE A 20 20.62 28.55 16.67
N ALA A 21 21.32 28.35 17.77
CA ALA A 21 22.22 27.19 17.97
C ALA A 21 21.52 26.12 18.80
N GLN A 22 21.71 24.85 18.44
CA GLN A 22 21.07 23.74 19.13
C GLN A 22 22.06 22.59 19.31
N VAL A 23 21.86 21.89 20.42
CA VAL A 23 22.36 20.53 20.57
C VAL A 23 21.40 19.61 19.81
N ALA A 24 21.99 18.75 19.01
CA ALA A 24 21.28 17.76 18.21
C ALA A 24 21.76 16.38 18.62
N CYS A 25 20.95 15.35 18.34
CA CYS A 25 21.42 14.01 18.54
C CYS A 25 22.27 13.50 17.37
N HIS A 26 23.09 12.49 17.64
CA HIS A 26 23.72 11.75 16.59
C HIS A 26 23.27 10.28 16.72
N ASN A 27 22.51 9.81 15.72
CA ASN A 27 22.07 8.44 15.66
C ASN A 27 21.23 8.03 16.85
N CYS A 28 20.38 8.94 17.31
CA CYS A 28 19.61 8.66 18.54
C CYS A 28 18.45 7.67 18.46
N TYR A 29 18.24 7.15 17.26
CA TYR A 29 17.37 5.99 17.03
C TYR A 29 17.98 4.70 17.56
N GLU A 30 19.28 4.68 17.86
CA GLU A 30 19.88 3.47 18.37
C GLU A 30 19.57 3.29 19.84
N LYS A 31 19.31 2.04 20.21
CA LYS A 31 18.94 1.68 21.56
C LYS A 31 19.96 2.10 22.61
N GLN A 32 21.24 2.06 22.21
CA GLN A 32 22.30 2.40 23.11
C GLN A 32 22.34 3.89 23.50
N TYR A 33 21.70 4.78 22.71
CA TYR A 33 21.70 6.24 22.97
C TYR A 33 20.41 6.77 23.63
N ALA A 34 19.32 6.02 23.57
CA ALA A 34 18.04 6.45 24.18
C ALA A 34 17.14 5.23 24.32
N ASN A 35 16.35 5.21 25.38
CA ASN A 35 15.47 4.06 25.58
C ASN A 35 14.33 3.99 24.57
N THR A 36 13.84 5.16 24.19
CA THR A 36 12.83 5.31 23.14
C THR A 36 13.21 6.51 22.30
N PHE A 37 12.82 6.48 21.05
CA PHE A 37 13.07 7.60 20.16
C PHE A 37 12.34 8.84 20.68
N SER A 38 11.15 8.65 21.21
CA SER A 38 10.34 9.77 21.67
C SER A 38 10.99 10.46 22.87
N SER A 39 11.65 9.67 23.72
CA SER A 39 12.32 10.25 24.88
C SER A 39 13.39 11.27 24.54
N VAL A 40 13.93 11.23 23.33
CA VAL A 40 14.96 12.17 22.91
C VAL A 40 14.41 13.57 23.01
N LEU A 41 13.12 13.68 22.72
CA LEU A 41 12.45 14.99 22.72
C LEU A 41 12.26 15.56 24.13
N ASP A 42 12.68 14.81 25.15
CA ASP A 42 12.76 15.40 26.49
C ASP A 42 13.96 16.33 26.63
N SER A 43 14.92 16.21 25.70
CA SER A 43 16.19 16.90 25.82
C SER A 43 16.57 17.83 24.68
N VAL A 44 16.13 17.51 23.46
CA VAL A 44 16.55 18.24 22.24
C VAL A 44 15.39 18.33 21.26
N ARG A 45 15.55 19.16 20.24
CA ARG A 45 14.55 19.34 19.17
C ARG A 45 15.10 18.98 17.80
N THR A 46 16.28 18.35 17.71
CA THR A 46 16.86 17.91 16.44
C THR A 46 17.33 16.49 16.61
N LEU A 47 16.78 15.60 15.76
CA LEU A 47 16.93 14.15 15.85
C LEU A 47 17.54 13.62 14.53
N GLU A 48 17.78 12.33 14.50
CA GLU A 48 18.35 11.65 13.36
C GLU A 48 17.80 10.23 13.19
N LEU A 49 17.57 9.83 11.94
CA LEU A 49 17.17 8.49 11.56
C LEU A 49 18.04 8.07 10.39
N ASP A 50 18.63 6.88 10.48
CA ASP A 50 19.33 6.27 9.35
C ASP A 50 18.38 5.28 8.68
N PHE A 51 18.17 5.44 7.37
CA PHE A 51 17.17 4.64 6.71
C PHE A 51 17.72 3.86 5.52
N TRP A 52 17.23 2.63 5.39
CA TRP A 52 17.67 1.68 4.39
C TRP A 52 16.52 1.17 3.56
N ASP A 53 16.79 0.94 2.29
CA ASP A 53 15.79 0.36 1.38
C ASP A 53 15.56 -1.12 1.64
N GLN A 54 16.63 -1.84 2.01
CA GLN A 54 16.57 -3.27 2.08
C GLN A 54 16.81 -3.77 3.49
N ARG A 55 16.37 -4.99 3.74
CA ARG A 55 16.44 -5.60 5.07
C ARG A 55 17.90 -5.85 5.45
N ASP A 56 18.68 -6.26 4.46
CA ASP A 56 20.11 -6.28 4.54
C ASP A 56 20.64 -5.43 3.39
N ALA A 57 21.81 -5.72 2.84
CA ALA A 57 22.34 -4.97 1.73
C ALA A 57 21.76 -5.31 0.38
N VAL A 58 21.11 -6.46 0.27
CA VAL A 58 20.74 -7.00 -1.05
C VAL A 58 19.33 -7.54 -1.19
N SER A 59 18.53 -7.50 -0.12
CA SER A 59 17.26 -8.23 -0.12
C SER A 59 16.30 -7.69 0.92
N GLY A 60 15.03 -7.94 0.72
CA GLY A 60 14.06 -7.72 1.78
C GLY A 60 13.26 -6.42 1.68
N GLY A 61 13.50 -5.60 0.68
CA GLY A 61 12.67 -4.40 0.50
C GLY A 61 11.21 -4.59 0.15
N SER A 62 10.41 -3.56 0.46
CA SER A 62 9.02 -3.57 0.03
C SER A 62 8.67 -2.16 -0.38
N PRO A 63 7.62 -1.99 -1.20
CA PRO A 63 7.31 -0.65 -1.75
C PRO A 63 6.90 0.23 -0.62
N HIS A 64 7.25 1.51 -0.72
CA HIS A 64 6.64 2.54 0.09
C HIS A 64 7.06 2.41 1.54
N HIS A 65 8.19 1.74 1.77
CA HIS A 65 8.62 1.34 3.09
C HIS A 65 10.14 1.42 3.15
N TRP A 66 10.69 1.91 4.27
CA TRP A 66 12.12 1.85 4.52
C TRP A 66 12.35 1.31 5.94
N PHE A 67 13.52 0.71 6.17
CA PHE A 67 13.93 0.25 7.48
C PHE A 67 14.82 1.30 8.19
N VAL A 68 14.91 1.19 9.50
CA VAL A 68 15.75 2.06 10.32
C VAL A 68 16.70 1.20 11.17
N ARG A 69 17.99 1.36 10.90
CA ARG A 69 19.05 0.65 11.63
C ARG A 69 20.36 1.31 11.31
N HIS A 70 21.42 0.92 12.01
CA HIS A 70 22.74 1.47 11.78
C HIS A 70 23.58 0.73 10.72
N ASN A 71 23.71 -0.56 10.86
CA ASN A 71 24.65 -1.32 9.95
C ASN A 71 23.94 -1.90 8.73
N PRO A 72 24.68 -2.22 7.64
CA PRO A 72 24.05 -2.83 6.46
C PRO A 72 23.28 -4.11 6.71
N GLY A 73 23.80 -4.95 7.60
CA GLY A 73 23.16 -6.20 7.98
C GLY A 73 23.86 -7.38 7.31
N GLY A 79 17.27 -5.72 9.31
CA GLY A 79 15.90 -5.28 9.34
C GLY A 79 15.82 -3.96 10.05
N ASN A 80 15.03 -3.92 11.11
CA ASN A 80 14.95 -2.72 11.93
C ASN A 80 15.70 -2.99 13.22
N ASP A 81 16.55 -2.05 13.66
CA ASP A 81 17.25 -2.13 14.93
C ASP A 81 17.29 -0.73 15.48
N ASN A 82 16.30 -0.41 16.31
CA ASN A 82 16.12 0.96 16.78
C ASN A 82 15.17 0.99 17.98
N ASN A 83 15.00 2.18 18.56
CA ASN A 83 14.20 2.39 19.75
C ASN A 83 12.83 3.06 19.45
N CYS A 84 12.36 2.96 18.20
CA CYS A 84 11.07 3.48 17.83
C CYS A 84 10.00 2.50 18.26
N THR A 85 8.80 3.01 18.34
CA THR A 85 7.64 2.14 18.63
C THR A 85 7.57 0.95 17.70
N GLY A 86 7.47 -0.24 18.30
CA GLY A 86 7.52 -1.56 17.62
C GLY A 86 8.73 -2.43 17.91
N GLY A 90 9.97 -6.31 14.99
CA GLY A 90 10.22 -5.97 13.59
C GLY A 90 9.44 -4.93 12.77
N LYS A 91 8.30 -4.38 13.25
CA LYS A 91 7.54 -3.34 12.48
C LYS A 91 7.85 -1.90 12.95
N ASN A 92 8.98 -1.77 13.62
CA ASN A 92 9.54 -0.49 13.92
C ASN A 92 10.36 0.03 12.78
N ASP A 93 9.67 0.40 11.68
CA ASP A 93 10.32 0.87 10.48
C ASP A 93 10.40 2.40 10.42
N LEU A 94 10.78 2.97 9.25
CA LEU A 94 10.88 4.43 9.12
C LEU A 94 9.57 5.08 9.47
N GLU A 95 8.50 4.59 8.85
CA GLU A 95 7.17 5.16 9.13
C GLU A 95 6.85 5.18 10.63
N ALA A 96 7.16 4.09 11.32
CA ALA A 96 6.94 4.04 12.76
C ALA A 96 7.72 5.12 13.53
N CYS A 97 8.99 5.29 13.16
CA CYS A 97 9.81 6.32 13.78
C CYS A 97 9.28 7.75 13.52
N LEU A 98 8.87 8.00 12.29
CA LEU A 98 8.28 9.27 11.92
C LEU A 98 6.98 9.52 12.69
N ASN A 99 6.16 8.46 12.86
CA ASN A 99 4.93 8.59 13.63
C ASN A 99 5.19 8.90 15.10
N ASP A 100 6.27 8.37 15.66
CA ASP A 100 6.67 8.77 17.00
C ASP A 100 6.88 10.27 17.15
N VAL A 101 7.50 10.89 16.16
CA VAL A 101 7.68 12.32 16.17
C VAL A 101 6.32 13.05 16.01
N LYS A 102 5.51 12.58 15.05
CA LYS A 102 4.21 13.17 14.78
C LYS A 102 3.35 13.18 16.05
N ASN A 103 3.34 12.04 16.73
CA ASN A 103 2.59 11.91 17.97
C ASN A 103 3.08 12.79 19.10
N TRP A 104 4.41 12.86 19.28
CA TRP A 104 4.95 13.82 20.23
C TRP A 104 4.53 15.25 19.89
N SER A 105 4.61 15.61 18.61
CA SER A 105 4.19 16.91 18.19
C SER A 105 2.73 17.20 18.56
N ASP A 106 1.88 16.23 18.27
CA ASP A 106 0.45 16.39 18.55
C ASP A 106 0.19 16.63 20.06
N LYS A 107 0.97 15.96 20.88
CA LYS A 107 0.86 16.08 22.36
C LYS A 107 1.52 17.34 22.96
N HIS A 108 2.28 18.11 22.15
CA HIS A 108 2.95 19.33 22.64
C HIS A 108 2.66 20.46 21.70
N PRO A 109 1.40 20.90 21.67
CA PRO A 109 1.11 22.09 20.88
C PRO A 109 2.04 23.24 21.33
N GLY A 110 2.47 24.05 20.39
CA GLY A 110 3.37 25.17 20.70
C GLY A 110 4.86 24.82 20.75
N HIS A 111 5.22 23.62 20.33
CA HIS A 111 6.59 23.20 20.44
C HIS A 111 7.50 23.99 19.51
N PHE A 112 8.72 24.13 20.01
CA PHE A 112 9.83 24.62 19.21
C PHE A 112 9.96 23.71 17.98
N PRO A 113 10.28 24.29 16.80
CA PRO A 113 10.29 23.42 15.62
C PRO A 113 11.24 22.25 15.76
N ILE A 114 10.78 21.09 15.30
CA ILE A 114 11.56 19.86 15.32
C ILE A 114 12.26 19.69 13.98
N THR A 115 13.56 19.43 14.01
CA THR A 115 14.32 19.13 12.79
C THR A 115 14.71 17.65 12.83
N LEU A 116 14.33 16.91 11.77
N LEU A 116 14.38 16.91 11.75
N LEU A 116 14.50 16.96 11.71
CA LEU A 116 14.70 15.49 11.61
CA LEU A 116 14.74 15.48 11.63
CA LEU A 116 14.69 15.52 11.63
C LEU A 116 15.72 15.35 10.49
C LEU A 116 15.71 15.30 10.48
C LEU A 116 15.66 15.23 10.48
N ILE A 117 16.88 14.81 10.84
CA ILE A 117 17.91 14.49 9.88
C ILE A 117 17.64 13.05 9.42
N LEU A 118 17.33 12.90 8.13
CA LEU A 118 17.01 11.61 7.53
C LEU A 118 18.27 11.22 6.70
N ASP A 119 19.06 10.31 7.29
CA ASP A 119 20.35 9.96 6.79
C ASP A 119 20.19 8.71 5.92
N LYS A 120 20.10 8.91 4.60
CA LYS A 120 19.80 7.84 3.66
C LYS A 120 21.04 6.99 3.47
N LYS A 121 20.89 5.65 3.50
CA LYS A 121 22.03 4.76 3.46
C LYS A 121 22.21 3.97 2.16
N GLN A 122 21.17 3.95 1.31
CA GLN A 122 21.23 3.27 0.02
C GLN A 122 20.73 4.22 -1.07
N GLY A 123 20.77 3.79 -2.31
CA GLY A 123 20.31 4.66 -3.38
C GLY A 123 18.81 4.67 -3.56
N TRP A 124 18.34 5.51 -4.47
CA TRP A 124 16.92 5.58 -4.82
C TRP A 124 16.56 4.35 -5.64
N SER A 125 15.34 3.86 -5.50
CA SER A 125 14.84 2.80 -6.40
C SER A 125 14.28 3.41 -7.69
N LYS A 126 14.05 2.54 -8.67
CA LYS A 126 13.26 2.87 -9.82
C LYS A 126 11.73 2.81 -9.45
N GLU A 127 10.88 3.29 -10.36
CA GLU A 127 9.43 3.41 -10.10
C GLU A 127 8.80 2.09 -9.61
N SER A 128 9.19 0.99 -10.26
CA SER A 128 8.54 -0.28 -10.01
C SER A 128 8.74 -0.81 -8.59
N SER A 129 9.80 -0.39 -7.88
CA SER A 129 10.07 -0.83 -6.53
C SER A 129 9.45 0.08 -5.47
N GLY A 130 8.89 1.22 -5.86
CA GLY A 130 8.11 2.03 -4.90
C GLY A 130 8.92 2.78 -3.87
N ARG A 131 10.20 3.06 -4.15
CA ARG A 131 11.05 3.84 -3.24
C ARG A 131 11.84 4.93 -3.99
N THR A 132 11.10 5.65 -4.81
CA THR A 132 11.62 6.80 -5.55
C THR A 132 11.56 8.05 -4.65
N PRO A 133 12.22 9.14 -5.06
CA PRO A 133 12.01 10.43 -4.36
C PRO A 133 10.53 10.82 -4.19
N LYS A 134 9.70 10.58 -5.21
CA LYS A 134 8.25 10.80 -5.09
C LYS A 134 7.61 9.94 -4.00
N ASP A 135 7.98 8.68 -3.95
CA ASP A 135 7.46 7.80 -2.91
C ASP A 135 7.84 8.23 -1.50
N PHE A 136 9.06 8.73 -1.38
CA PHE A 136 9.55 9.26 -0.13
C PHE A 136 8.80 10.50 0.32
N ASP A 137 8.64 11.45 -0.59
CA ASP A 137 7.82 12.64 -0.28
C ASP A 137 6.40 12.25 0.13
N GLU A 138 5.84 11.25 -0.53
CA GLU A 138 4.47 10.87 -0.27
C GLU A 138 4.37 10.26 1.13
N LEU A 139 5.35 9.47 1.54
CA LEU A 139 5.38 8.96 2.88
C LEU A 139 5.46 10.05 3.92
N VAL A 140 6.42 10.95 3.77
CA VAL A 140 6.60 11.95 4.81
C VAL A 140 5.41 12.94 4.90
N ALA A 141 4.82 13.24 3.76
CA ALA A 141 3.60 14.05 3.71
C ALA A 141 2.41 13.35 4.34
N ARG A 142 2.30 12.04 4.14
CA ARG A 142 1.19 11.27 4.69
C ARG A 142 1.28 11.23 6.21
N VAL A 143 2.51 11.15 6.72
CA VAL A 143 2.70 11.11 8.15
C VAL A 143 2.50 12.50 8.79
N PHE A 144 3.20 13.52 8.29
CA PHE A 144 3.23 14.81 8.98
C PHE A 144 2.17 15.80 8.58
N GLN A 145 1.60 15.60 7.40
CA GLN A 145 0.60 16.47 6.85
C GLN A 145 1.02 17.94 6.90
N GLY A 146 0.17 18.79 7.46
CA GLY A 146 0.47 20.20 7.53
C GLY A 146 1.54 20.65 8.48
N LYS A 147 2.13 19.73 9.26
CA LYS A 147 3.23 20.07 10.16
C LYS A 147 4.50 20.48 9.45
N LEU A 148 4.68 20.10 8.19
CA LEU A 148 5.97 20.36 7.53
C LEU A 148 6.16 21.81 7.18
N PHE A 149 7.42 22.25 7.33
CA PHE A 149 7.93 23.50 6.74
C PHE A 149 8.96 22.99 5.72
N THR A 150 8.80 23.42 4.46
CA THR A 150 9.55 22.86 3.33
C THR A 150 10.40 23.92 2.66
N PRO A 151 11.25 23.52 1.69
CA PRO A 151 12.03 24.53 1.00
C PRO A 151 11.20 25.62 0.27
N GLN A 152 10.08 25.24 -0.36
CA GLN A 152 9.22 26.25 -0.97
C GLN A 152 8.66 27.23 0.04
N ASP A 153 8.37 26.77 1.26
CA ASP A 153 7.90 27.68 2.27
C ASP A 153 8.95 28.70 2.65
N LEU A 154 10.21 28.25 2.76
CA LEU A 154 11.30 29.19 3.02
C LEU A 154 11.50 30.16 1.85
N ALA A 155 11.39 29.62 0.65
CA ALA A 155 11.59 30.45 -0.54
C ALA A 155 10.54 31.56 -0.57
N THR A 156 9.29 31.22 -0.28
CA THR A 156 8.22 32.24 -0.26
C THR A 156 8.50 33.28 0.80
N HIS A 157 8.97 32.83 1.96
CA HIS A 157 9.30 33.74 3.05
C HIS A 157 10.32 34.80 2.63
N ILE A 158 11.35 34.40 1.88
CA ILE A 158 12.44 35.31 1.48
C ILE A 158 12.21 35.96 0.13
N GLY A 159 11.08 35.63 -0.53
CA GLY A 159 10.76 36.20 -1.85
C GLY A 159 11.60 35.68 -3.03
N SER A 160 11.96 34.39 -2.94
CA SER A 160 12.79 33.70 -3.90
C SER A 160 12.04 32.52 -4.52
N GLY A 161 12.50 32.11 -5.72
CA GLY A 161 12.19 30.78 -6.21
C GLY A 161 12.89 29.72 -5.34
N ALA A 162 12.30 28.55 -5.19
CA ALA A 162 12.96 27.50 -4.40
C ALA A 162 14.26 27.03 -5.00
N GLY A 163 14.37 27.07 -6.33
CA GLY A 163 15.62 26.71 -7.04
C GLY A 163 16.72 27.76 -6.97
N ALA A 164 16.47 28.87 -6.26
CA ALA A 164 17.51 29.91 -6.05
C ALA A 164 17.68 30.26 -4.57
N LEU A 165 17.25 29.35 -3.70
CA LEU A 165 17.49 29.51 -2.27
C LEU A 165 18.97 29.62 -1.97
N GLN A 166 19.80 28.82 -2.67
CA GLN A 166 21.20 28.76 -2.34
C GLN A 166 21.85 30.11 -2.14
N GLY A 167 21.73 30.96 -3.16
CA GLY A 167 22.30 32.26 -3.11
C GLY A 167 21.38 33.35 -2.59
N ASN A 168 20.06 33.20 -2.76
CA ASN A 168 19.14 34.27 -2.28
C ASN A 168 18.97 34.31 -0.78
N LEU A 169 19.34 33.23 -0.10
CA LEU A 169 19.35 33.25 1.36
C LEU A 169 20.39 34.17 1.97
N LYS A 170 21.47 34.49 1.23
CA LYS A 170 22.50 35.33 1.79
C LYS A 170 21.88 36.69 2.15
N GLY A 171 22.02 37.09 3.40
CA GLY A 171 21.51 38.34 3.94
C GLY A 171 20.05 38.29 4.37
N LYS A 172 19.48 37.07 4.34
CA LYS A 172 18.09 36.94 4.72
C LYS A 172 17.94 36.15 6.04
N SER A 173 16.82 36.37 6.67
CA SER A 173 16.43 35.69 7.90
C SER A 173 15.37 34.63 7.59
N TRP A 174 15.56 33.46 8.17
CA TRP A 174 14.49 32.47 8.25
C TRP A 174 13.35 32.96 9.16
N PRO A 175 12.16 32.32 9.06
CA PRO A 175 11.16 32.62 10.07
C PRO A 175 11.68 32.33 11.48
N THR A 176 11.12 33.04 12.45
CA THR A 176 11.58 32.86 13.82
C THR A 176 11.10 31.51 14.36
N ALA A 177 11.68 31.12 15.47
CA ALA A 177 11.17 29.93 16.13
C ALA A 177 9.69 30.08 16.50
N ASN A 178 9.27 31.28 16.92
CA ASN A 178 7.85 31.46 17.23
C ASN A 178 7.00 31.27 15.94
N ASP A 179 7.46 31.80 14.80
CA ASP A 179 6.72 31.60 13.54
C ASP A 179 6.63 30.11 13.18
N LEU A 180 7.63 29.34 13.59
CA LEU A 180 7.74 27.92 13.27
C LEU A 180 7.24 26.99 14.43
N GLN A 181 6.44 27.52 15.35
CA GLN A 181 5.94 26.71 16.44
C GLN A 181 5.06 25.60 15.86
N GLY A 182 5.27 24.41 16.37
CA GLY A 182 4.52 23.27 15.94
C GLY A 182 4.96 22.63 14.62
N LYS A 183 6.04 23.14 14.04
CA LYS A 183 6.46 22.68 12.72
C LYS A 183 7.53 21.60 12.83
N VAL A 184 7.67 20.85 11.75
CA VAL A 184 8.66 19.84 11.53
C VAL A 184 9.43 20.15 10.26
N LEU A 185 10.75 20.13 10.33
CA LEU A 185 11.61 20.31 9.18
C LEU A 185 12.34 19.02 8.96
N LEU A 186 12.28 18.53 7.72
CA LEU A 186 12.94 17.30 7.32
C LEU A 186 14.17 17.61 6.49
N VAL A 187 15.24 16.91 6.77
CA VAL A 187 16.54 17.16 6.11
C VAL A 187 17.09 15.84 5.56
N LEU A 188 17.54 15.86 4.31
CA LEU A 188 18.09 14.64 3.71
C LEU A 188 19.63 14.73 3.75
N ASN A 189 20.24 13.65 4.21
CA ASN A 189 21.68 13.48 4.12
C ASN A 189 21.97 12.14 3.40
N HIS A 190 23.16 12.03 2.84
CA HIS A 190 23.71 10.80 2.27
C HIS A 190 25.22 11.03 2.20
N SER A 191 26.01 9.97 2.17
CA SER A 191 27.45 10.09 1.99
C SER A 191 27.81 10.59 0.61
N GLU A 192 26.92 10.41 -0.36
CA GLU A 192 27.11 10.80 -1.74
C GLU A 192 26.15 11.93 -2.09
N ASN A 193 26.69 13.09 -2.44
CA ASN A 193 25.81 14.21 -2.82
C ASN A 193 24.96 13.92 -4.06
N GLN A 194 25.40 12.99 -4.87
CA GLN A 194 24.64 12.53 -6.06
C GLN A 194 23.21 12.15 -5.68
N LYS A 195 23.01 11.52 -4.53
CA LYS A 195 21.66 11.08 -4.14
C LYS A 195 20.76 12.27 -3.77
N LEU A 196 21.36 13.32 -3.23
CA LEU A 196 20.62 14.57 -2.99
C LEU A 196 20.29 15.27 -4.28
N SER A 197 21.23 15.27 -5.23
CA SER A 197 20.96 15.88 -6.52
C SER A 197 19.81 15.17 -7.26
N GLN A 198 19.76 13.86 -7.16
CA GLN A 198 18.73 13.04 -7.79
C GLN A 198 17.37 13.37 -7.12
N TYR A 199 17.35 13.52 -5.79
CA TYR A 199 16.11 13.87 -5.09
C TYR A 199 15.65 15.28 -5.56
N ALA A 200 16.54 16.25 -5.61
CA ALA A 200 16.12 17.61 -5.99
C ALA A 200 15.72 17.72 -7.45
N GLU A 201 16.37 16.97 -8.33
CA GLU A 201 15.96 16.98 -9.74
C GLU A 201 14.61 16.38 -9.95
N ALA A 202 14.28 15.37 -9.14
CA ALA A 202 12.96 14.71 -9.23
C ALA A 202 11.81 15.58 -8.67
N ARG A 203 12.06 16.22 -7.53
CA ARG A 203 11.00 16.91 -6.80
C ARG A 203 10.92 18.41 -7.00
N THR A 204 12.03 19.03 -7.43
CA THR A 204 12.12 20.45 -7.59
C THR A 204 11.38 21.21 -6.46
N SER A 205 10.53 22.18 -6.80
CA SER A 205 9.89 23.03 -5.81
C SER A 205 8.82 22.32 -4.98
N LYS A 206 8.44 21.10 -5.39
CA LYS A 206 7.51 20.33 -4.60
C LYS A 206 8.12 19.58 -3.44
N ALA A 207 9.47 19.59 -3.35
CA ALA A 207 10.16 18.82 -2.34
C ALA A 207 9.60 19.05 -0.95
N LYS A 208 9.40 17.95 -0.22
CA LYS A 208 9.04 18.00 1.19
C LYS A 208 10.21 18.11 2.14
N VAL A 209 11.41 17.81 1.65
CA VAL A 209 12.61 17.67 2.47
C VAL A 209 13.70 18.63 1.94
N PHE A 210 14.42 19.26 2.87
CA PHE A 210 15.59 20.08 2.56
C PHE A 210 16.78 19.15 2.27
N ILE A 211 17.51 19.40 1.18
CA ILE A 211 18.77 18.68 0.96
C ILE A 211 19.91 19.40 1.68
N SER A 212 20.75 18.60 2.31
CA SER A 212 21.89 19.15 3.05
C SER A 212 23.18 18.43 2.66
N PRO A 213 23.89 18.95 1.64
CA PRO A 213 25.04 18.19 1.12
C PRO A 213 26.25 18.13 2.04
N VAL A 214 27.07 17.10 1.80
CA VAL A 214 28.41 17.02 2.37
C VAL A 214 29.14 18.25 1.88
N THR A 215 29.78 18.97 2.81
CA THR A 215 30.35 20.31 2.57
C THR A 215 31.81 20.30 3.01
N ASN A 216 32.69 20.57 2.03
CA ASN A 216 34.13 20.68 2.30
C ASN A 216 34.81 21.74 1.47
N GLY A 217 34.01 22.65 0.89
CA GLY A 217 34.53 23.81 0.13
C GLY A 217 33.46 24.80 -0.10
N GLN A 218 33.86 25.99 -0.51
CA GLN A 218 32.91 27.07 -0.74
C GLN A 218 31.82 26.71 -1.78
N ASN A 219 32.22 25.99 -2.82
CA ASN A 219 31.29 25.62 -3.85
C ASN A 219 30.09 24.83 -3.29
N ASP A 220 30.33 24.05 -2.22
CA ASP A 220 29.27 23.31 -1.58
C ASP A 220 28.24 24.17 -0.84
N ILE A 221 28.62 25.40 -0.52
CA ILE A 221 27.70 26.35 0.05
C ILE A 221 27.06 27.16 -1.06
N SER A 222 27.86 27.70 -2.01
CA SER A 222 27.38 28.82 -2.86
C SER A 222 27.57 28.65 -4.36
N GLY A 223 28.05 27.47 -4.80
CA GLY A 223 28.36 27.25 -6.17
C GLY A 223 27.77 25.95 -6.64
N LYS A 224 28.41 25.36 -7.66
CA LYS A 224 28.02 24.02 -8.10
C LYS A 224 28.59 23.08 -7.05
N VAL A 225 27.69 22.47 -6.31
CA VAL A 225 28.07 21.59 -5.20
C VAL A 225 28.72 20.33 -5.74
N SER A 226 29.76 19.87 -5.07
CA SER A 226 30.42 18.62 -5.47
C SER A 226 29.44 17.47 -5.60
N GLY A 227 29.45 16.78 -6.75
CA GLY A 227 28.58 15.66 -6.92
C GLY A 227 27.15 16.00 -7.30
N MET A 228 26.82 17.28 -7.50
CA MET A 228 25.48 17.68 -7.89
C MET A 228 25.48 18.53 -9.16
N SER A 229 24.32 18.58 -9.79
CA SER A 229 24.10 19.56 -10.86
C SER A 229 23.99 20.98 -10.34
N SER A 230 24.24 21.95 -11.21
CA SER A 230 23.97 23.38 -10.88
C SER A 230 22.47 23.58 -10.47
N GLN A 231 21.54 22.90 -11.17
CA GLN A 231 20.13 23.09 -10.88
C GLN A 231 19.86 22.59 -9.46
N SER A 232 20.37 21.43 -9.09
CA SER A 232 20.13 20.93 -7.74
C SER A 232 20.78 21.79 -6.66
N SER A 233 21.97 22.29 -6.96
CA SER A 233 22.70 23.17 -6.10
C SER A 233 21.88 24.38 -5.64
N GLY A 234 21.07 24.91 -6.54
CA GLY A 234 20.29 26.09 -6.18
C GLY A 234 19.23 25.90 -5.11
N TYR A 235 18.89 24.66 -4.80
CA TYR A 235 17.96 24.33 -3.74
C TYR A 235 18.58 24.22 -2.38
N VAL A 236 19.91 24.35 -2.30
CA VAL A 236 20.61 24.11 -1.05
C VAL A 236 20.43 25.24 -0.03
N ALA A 237 19.80 24.91 1.10
CA ALA A 237 19.57 25.89 2.19
C ALA A 237 20.14 25.38 3.51
N MET A 238 20.89 24.28 3.43
CA MET A 238 21.43 23.58 4.60
C MET A 238 22.72 22.92 4.18
N ASN A 239 23.66 22.75 5.14
CA ASN A 239 24.97 22.15 4.80
C ASN A 239 25.36 21.24 5.93
N ASN A 240 25.92 20.09 5.57
CA ASN A 240 26.29 19.04 6.54
C ASN A 240 27.82 18.86 6.54
N MET A 241 28.42 18.93 7.73
N MET A 241 28.42 18.94 7.73
CA MET A 241 29.87 18.84 7.86
CA MET A 241 29.88 18.92 7.87
C MET A 241 30.29 17.83 8.89
C MET A 241 30.31 17.87 8.89
N GLY A 242 31.25 17.01 8.54
CA GLY A 242 32.01 16.25 9.55
C GLY A 242 32.99 17.09 10.34
N LYS A 243 33.58 16.48 11.38
CA LYS A 243 34.47 17.17 12.28
C LYS A 243 35.54 17.96 11.56
N GLY A 244 36.17 17.34 10.57
CA GLY A 244 37.27 17.99 9.87
C GLY A 244 36.88 19.16 9.00
N ASP A 245 35.58 19.31 8.73
CA ASP A 245 35.06 20.35 7.82
C ASP A 245 34.23 21.41 8.54
N LYS A 246 34.31 21.42 9.87
CA LYS A 246 33.44 22.33 10.64
C LYS A 246 33.73 23.80 10.44
N SER A 247 34.91 24.18 9.94
CA SER A 247 35.21 25.58 9.63
C SER A 247 34.23 26.17 8.63
N TRP A 248 33.61 25.29 7.82
CA TRP A 248 32.61 25.72 6.83
C TRP A 248 31.30 26.22 7.42
N ALA A 249 31.05 25.92 8.67
CA ALA A 249 29.86 26.42 9.30
C ALA A 249 29.79 27.93 9.33
N LYS A 250 30.91 28.62 9.44
CA LYS A 250 30.92 30.06 9.42
C LYS A 250 30.36 30.59 8.09
N GLN A 251 30.67 29.91 7.00
CA GLN A 251 30.13 30.27 5.67
C GLN A 251 28.67 29.86 5.48
N ALA A 252 28.29 28.71 6.05
CA ALA A 252 26.87 28.38 6.11
C ALA A 252 26.08 29.49 6.83
N PHE A 253 26.57 29.93 7.99
CA PHE A 253 26.01 31.02 8.74
C PHE A 253 25.94 32.30 7.90
N ALA A 254 27.03 32.63 7.20
CA ALA A 254 27.04 33.83 6.36
C ALA A 254 26.01 33.79 5.26
N TYR A 255 25.70 32.60 4.76
CA TYR A 255 24.74 32.41 3.68
C TYR A 255 23.34 32.08 4.19
N SER A 256 23.13 32.16 5.52
CA SER A 256 21.82 31.80 6.11
C SER A 256 21.38 30.39 5.68
N HIS A 257 22.37 29.49 5.59
CA HIS A 257 22.08 28.07 5.47
C HIS A 257 22.17 27.43 6.87
N ILE A 258 21.33 26.44 7.16
CA ILE A 258 21.43 25.77 8.47
C ILE A 258 22.57 24.77 8.45
N GLY A 259 23.62 25.05 9.23
CA GLY A 259 24.79 24.19 9.26
C GLY A 259 24.74 23.20 10.38
N ARG A 260 25.09 21.96 10.04
CA ARG A 260 25.17 20.90 11.02
C ARG A 260 26.58 20.29 11.01
N VAL A 261 27.10 20.03 12.22
CA VAL A 261 28.39 19.35 12.40
C VAL A 261 28.22 18.12 13.23
N TRP A 262 28.72 17.01 12.71
CA TRP A 262 28.65 15.73 13.40
C TRP A 262 30.06 15.19 13.60
N GLY A 263 30.19 14.32 14.61
CA GLY A 263 31.44 13.66 14.94
C GLY A 263 32.39 14.47 15.81
N ASP A 264 31.95 15.61 16.34
CA ASP A 264 32.86 16.48 17.11
C ASP A 264 32.49 16.52 18.59
N ASP A 265 32.24 15.36 19.14
CA ASP A 265 31.68 15.20 20.48
C ASP A 265 32.53 15.69 21.64
N GLU A 266 33.86 15.79 21.43
CA GLU A 266 34.78 16.21 22.51
C GLU A 266 34.88 17.73 22.60
N VAL A 267 34.15 18.44 21.73
CA VAL A 267 34.04 19.88 21.81
C VAL A 267 32.67 20.25 22.37
N SER A 268 32.66 21.22 23.29
CA SER A 268 31.47 21.64 24.02
C SER A 268 30.49 22.41 23.14
N PHE A 269 29.23 22.40 23.57
CA PHE A 269 28.19 23.17 22.90
C PHE A 269 28.57 24.65 22.84
N ALA A 270 29.12 25.18 23.94
CA ALA A 270 29.49 26.60 23.92
C ALA A 270 30.55 26.87 22.83
N GLN A 271 31.48 25.94 22.69
CA GLN A 271 32.48 26.15 21.65
C GLN A 271 31.90 26.05 20.23
N HIS A 272 30.95 25.16 20.02
CA HIS A 272 30.28 25.08 18.76
C HIS A 272 29.47 26.32 18.45
N ILE A 273 28.91 26.93 19.48
CA ILE A 273 28.20 28.20 19.34
C ILE A 273 29.17 29.27 18.82
N ASN A 274 30.35 29.30 19.40
N ASN A 274 30.39 29.29 19.38
CA ASN A 274 31.30 30.30 19.00
CA ASN A 274 31.47 30.25 18.94
C ASN A 274 31.87 30.04 17.56
C ASN A 274 31.76 30.07 17.48
N GLN A 275 31.73 28.80 17.07
CA GLN A 275 32.02 28.41 15.71
C GLN A 275 30.84 28.52 14.73
N LYS A 276 29.74 29.15 15.17
CA LYS A 276 28.59 29.47 14.32
C LYS A 276 27.90 28.24 13.72
N ILE A 277 27.86 27.17 14.50
CA ILE A 277 27.21 25.93 14.08
C ILE A 277 25.76 25.89 14.56
N ASN A 278 24.80 25.77 13.64
CA ASN A 278 23.41 25.73 14.08
C ASN A 278 23.07 24.44 14.81
N LEU A 279 23.48 23.30 14.25
CA LEU A 279 23.10 22.01 14.78
C LEU A 279 24.35 21.19 15.09
N SER A 280 24.59 20.97 16.38
CA SER A 280 25.79 20.25 16.81
C SER A 280 25.41 18.88 17.30
N ALA A 281 25.77 17.86 16.51
CA ALA A 281 25.28 16.52 16.76
C ALA A 281 26.16 15.77 17.73
N TYR A 282 25.55 15.28 18.83
CA TYR A 282 26.26 14.47 19.82
C TYR A 282 25.59 13.16 20.12
N TYR A 283 26.40 12.11 20.30
CA TYR A 283 25.87 10.86 20.79
C TYR A 283 25.25 11.02 22.15
N ARG A 284 25.98 11.69 23.05
CA ARG A 284 25.48 11.92 24.40
C ARG A 284 24.88 13.33 24.49
N PHE A 285 23.73 13.52 23.84
CA PHE A 285 23.10 14.83 23.75
C PHE A 285 22.66 15.43 25.06
N ALA A 286 22.20 14.61 25.98
CA ALA A 286 21.65 15.19 27.22
C ALA A 286 22.74 15.81 28.06
N ALA A 287 23.96 15.28 27.93
CA ALA A 287 25.10 15.73 28.70
C ALA A 287 25.63 17.11 28.26
N GLN A 288 25.15 17.61 27.12
CA GLN A 288 25.60 18.90 26.58
C GLN A 288 24.66 20.02 26.94
N SER A 289 25.25 21.17 27.23
CA SER A 289 24.48 22.36 27.50
C SER A 289 25.48 23.53 27.57
N ALA A 290 24.91 24.71 27.50
CA ALA A 290 25.65 25.95 27.72
C ALA A 290 24.78 26.89 28.54
N GLY A 291 25.23 27.24 29.73
CA GLY A 291 24.37 28.03 30.65
C GLY A 291 23.03 27.39 30.97
N GLY A 292 23.01 26.05 31.00
CA GLY A 292 21.81 25.27 31.27
C GLY A 292 20.91 25.07 30.08
N TYR A 293 21.27 25.63 28.92
CA TYR A 293 20.44 25.54 27.73
C TYR A 293 21.03 24.63 26.66
N ARG A 294 20.15 23.98 25.91
CA ARG A 294 20.53 23.24 24.71
C ARG A 294 20.07 23.89 23.43
N ILE A 295 19.29 24.98 23.51
CA ILE A 295 18.82 25.79 22.38
C ILE A 295 18.95 27.24 22.81
N ARG A 296 19.72 28.01 22.04
CA ARG A 296 19.87 29.42 22.34
C ARG A 296 20.35 30.21 21.12
N PRO A 297 20.06 31.53 21.09
CA PRO A 297 20.66 32.35 20.06
C PRO A 297 22.16 32.31 20.14
N PHE A 298 22.83 32.50 19.00
CA PHE A 298 24.30 32.59 19.02
C PHE A 298 24.76 33.73 19.88
N GLN B 2 -10.98 4.52 35.29
CA GLN B 2 -12.37 4.12 34.88
C GLN B 2 -13.22 5.39 34.72
N GLU B 3 -13.79 5.58 33.52
CA GLU B 3 -14.47 6.85 33.22
C GLU B 3 -15.80 6.95 33.97
N SER B 4 -16.36 8.14 34.09
CA SER B 4 -17.62 8.28 34.80
C SER B 4 -18.49 9.42 34.28
N PRO B 5 -18.76 9.48 32.95
CA PRO B 5 -19.77 10.45 32.47
C PRO B 5 -21.16 10.14 33.07
N ALA B 6 -21.97 11.17 33.25
CA ALA B 6 -23.28 11.03 33.88
C ALA B 6 -24.20 10.07 33.21
N PHE B 7 -24.03 9.89 31.89
CA PHE B 7 -24.92 9.01 31.16
C PHE B 7 -24.73 7.51 31.42
N ILE B 8 -23.63 7.14 32.09
CA ILE B 8 -23.36 5.75 32.40
C ILE B 8 -23.77 5.46 33.85
N ASP B 9 -24.70 4.54 34.04
CA ASP B 9 -25.05 4.12 35.41
C ASP B 9 -23.83 3.39 35.97
N PRO B 10 -23.33 3.82 37.17
CA PRO B 10 -22.15 3.17 37.73
C PRO B 10 -22.28 1.66 37.96
N ALA B 11 -23.50 1.17 38.11
CA ALA B 11 -23.72 -0.28 38.29
C ALA B 11 -23.34 -1.04 37.05
N SER B 12 -23.16 -0.34 35.93
CA SER B 12 -22.82 -1.01 34.65
C SER B 12 -21.48 -1.72 34.72
N TRP B 13 -20.54 -1.13 35.46
CA TRP B 13 -19.15 -1.55 35.37
C TRP B 13 -18.93 -3.01 35.77
N ASN B 14 -19.61 -3.45 36.83
N ASN B 14 -19.60 -3.48 36.81
CA ASN B 14 -19.50 -4.84 37.28
CA ASN B 14 -19.46 -4.88 37.22
C ASN B 14 -20.52 -5.76 36.59
C ASN B 14 -20.62 -5.71 36.68
N THR B 15 -21.21 -5.28 35.56
CA THR B 15 -22.24 -6.07 34.89
C THR B 15 -21.63 -6.70 33.62
N PRO B 16 -21.88 -7.99 33.37
CA PRO B 16 -21.51 -8.58 32.08
C PRO B 16 -22.00 -7.74 30.92
N PHE B 17 -21.19 -7.64 29.87
CA PHE B 17 -21.57 -6.79 28.75
C PHE B 17 -22.96 -7.12 28.19
N ASN B 18 -23.29 -8.41 28.13
CA ASN B 18 -24.61 -8.87 27.61
C ASN B 18 -25.77 -8.52 28.54
N GLY B 19 -25.47 -8.09 29.77
CA GLY B 19 -26.50 -7.65 30.75
C GLY B 19 -26.64 -6.14 30.80
N ILE B 20 -26.01 -5.44 29.84
CA ILE B 20 -26.08 -3.99 29.74
C ILE B 20 -26.91 -3.54 28.55
N ALA B 21 -27.82 -2.61 28.80
CA ALA B 21 -28.60 -1.92 27.76
C ALA B 21 -28.00 -0.54 27.48
N GLN B 22 -28.00 -0.19 26.21
CA GLN B 22 -27.41 1.07 25.71
C GLN B 22 -28.28 1.73 24.67
N VAL B 23 -28.25 3.06 24.71
CA VAL B 23 -28.64 3.86 23.56
C VAL B 23 -27.46 3.87 22.58
N ALA B 24 -27.77 3.64 21.31
CA ALA B 24 -26.80 3.59 20.21
C ALA B 24 -27.21 4.66 19.20
N CYS B 25 -26.25 5.07 18.35
CA CYS B 25 -26.63 5.93 17.27
C CYS B 25 -27.21 5.10 16.11
N HIS B 26 -27.87 5.79 15.21
CA HIS B 26 -28.28 5.24 13.90
C HIS B 26 -27.71 6.20 12.82
N ASN B 27 -26.76 5.70 12.06
CA ASN B 27 -26.18 6.45 10.93
C ASN B 27 -25.62 7.79 11.37
N CYS B 28 -24.92 7.79 12.52
CA CYS B 28 -24.38 9.03 13.09
C CYS B 28 -23.13 9.56 12.40
N TYR B 29 -22.70 8.92 11.32
CA TYR B 29 -21.70 9.47 10.38
C TYR B 29 -22.31 10.58 9.48
N GLU B 30 -23.64 10.67 9.42
CA GLU B 30 -24.28 11.65 8.56
C GLU B 30 -24.23 12.99 9.23
N LYS B 31 -23.93 14.00 8.44
CA LYS B 31 -23.72 15.36 8.94
C LYS B 31 -24.95 15.91 9.64
N GLN B 32 -26.13 15.48 9.23
CA GLN B 32 -27.39 15.99 9.85
C GLN B 32 -27.57 15.49 11.29
N TYR B 33 -26.86 14.42 11.65
CA TYR B 33 -26.99 13.82 13.00
C TYR B 33 -25.93 14.16 14.01
N ALA B 34 -24.79 14.61 13.53
CA ALA B 34 -23.70 15.06 14.39
C ALA B 34 -22.74 15.95 13.61
N ASN B 35 -22.17 16.94 14.26
CA ASN B 35 -21.27 17.86 13.52
C ASN B 35 -19.94 17.14 13.20
N THR B 36 -19.49 16.25 14.09
CA THR B 36 -18.30 15.43 13.86
C THR B 36 -18.62 14.05 14.36
N PHE B 37 -18.04 13.03 13.73
CA PHE B 37 -18.24 11.66 14.17
C PHE B 37 -17.75 11.46 15.62
N SER B 38 -16.57 11.99 15.95
CA SER B 38 -16.03 11.85 17.30
C SER B 38 -16.92 12.45 18.38
N SER B 39 -17.66 13.54 18.06
CA SER B 39 -18.58 14.19 19.00
C SER B 39 -19.69 13.27 19.50
N VAL B 40 -20.05 12.24 18.71
CA VAL B 40 -21.04 11.27 19.14
C VAL B 40 -20.67 10.65 20.50
N LEU B 41 -19.38 10.43 20.71
CA LEU B 41 -18.86 9.82 21.94
C LEU B 41 -18.96 10.74 23.17
N ASP B 42 -19.43 11.95 22.99
CA ASP B 42 -19.88 12.74 24.17
C ASP B 42 -21.17 12.14 24.80
N SER B 43 -21.94 11.37 24.04
CA SER B 43 -23.31 10.94 24.43
C SER B 43 -23.54 9.46 24.55
N VAL B 44 -22.86 8.68 23.71
CA VAL B 44 -23.08 7.22 23.65
C VAL B 44 -21.73 6.52 23.41
N ARG B 45 -21.76 5.20 23.51
CA ARG B 45 -20.62 4.33 23.28
C ARG B 45 -20.83 3.33 22.17
N THR B 46 -21.91 3.47 21.39
CA THR B 46 -22.19 2.58 20.26
C THR B 46 -22.53 3.42 19.06
N LEU B 47 -21.73 3.24 17.99
CA LEU B 47 -21.75 4.09 16.79
C LEU B 47 -22.05 3.22 15.54
N GLU B 48 -22.15 3.88 14.37
CA GLU B 48 -22.43 3.20 13.09
C GLU B 48 -21.76 3.92 11.95
N LEU B 49 -21.20 3.12 11.04
CA LEU B 49 -20.64 3.61 9.77
C LEU B 49 -21.16 2.74 8.63
N ASP B 50 -21.61 3.38 7.57
CA ASP B 50 -22.07 2.64 6.34
C ASP B 50 -20.92 2.75 5.35
N PHE B 51 -20.50 1.61 4.81
CA PHE B 51 -19.29 1.61 3.99
C PHE B 51 -19.44 0.90 2.66
N TRP B 52 -18.80 1.51 1.66
CA TRP B 52 -19.01 1.20 0.24
C TRP B 52 -17.65 0.86 -0.37
N ASP B 53 -17.64 -0.10 -1.28
CA ASP B 53 -16.44 -0.44 -2.01
C ASP B 53 -16.09 0.58 -3.08
N GLN B 54 -17.12 1.05 -3.77
CA GLN B 54 -16.95 1.92 -4.93
C GLN B 54 -17.36 3.34 -4.68
N ARG B 55 -16.87 4.28 -5.52
CA ARG B 55 -17.14 5.70 -5.37
C ARG B 55 -18.59 5.97 -5.69
N ASP B 56 -19.11 5.29 -6.70
CA ASP B 56 -20.52 5.17 -6.95
C ASP B 56 -20.90 3.68 -6.91
N ALA B 57 -21.92 3.24 -7.62
CA ALA B 57 -22.26 1.80 -7.59
C ALA B 57 -21.39 0.90 -8.48
N VAL B 58 -20.67 1.46 -9.46
CA VAL B 58 -19.98 0.68 -10.53
C VAL B 58 -18.48 1.03 -10.73
N SER B 59 -17.97 2.03 -10.02
CA SER B 59 -16.67 2.55 -10.38
C SER B 59 -15.98 3.23 -9.20
N GLY B 60 -14.68 3.37 -9.29
CA GLY B 60 -13.96 4.23 -8.39
C GLY B 60 -13.35 3.62 -7.18
N GLY B 61 -13.49 2.32 -7.03
CA GLY B 61 -12.79 1.67 -5.88
C GLY B 61 -11.25 1.67 -5.92
N SER B 62 -10.60 1.48 -4.76
CA SER B 62 -9.14 1.25 -4.72
C SER B 62 -8.84 0.13 -3.72
N PRO B 63 -7.70 -0.52 -3.85
CA PRO B 63 -7.43 -1.58 -2.87
C PRO B 63 -7.32 -1.12 -1.45
N HIS B 64 -7.80 -1.96 -0.54
CA HIS B 64 -7.54 -1.75 0.90
C HIS B 64 -8.21 -0.48 1.45
N HIS B 65 -9.27 -0.04 0.78
N HIS B 65 -9.24 0.01 0.78
CA HIS B 65 -9.93 1.26 1.00
CA HIS B 65 -9.92 1.24 1.22
C HIS B 65 -11.43 1.05 0.88
C HIS B 65 -11.39 1.09 0.90
N TRP B 66 -12.23 1.70 1.75
CA TRP B 66 -13.67 1.81 1.53
C TRP B 66 -14.12 3.26 1.77
N PHE B 67 -15.24 3.63 1.17
CA PHE B 67 -15.89 4.91 1.32
C PHE B 67 -16.93 4.84 2.44
N VAL B 68 -17.23 5.97 3.07
CA VAL B 68 -18.36 6.08 3.98
C VAL B 68 -19.37 7.13 3.48
N ARG B 69 -20.60 6.67 3.24
CA ARG B 69 -21.72 7.49 2.78
C ARG B 69 -23.01 6.70 2.93
N HIS B 70 -24.16 7.36 2.88
CA HIS B 70 -25.43 6.61 3.00
C HIS B 70 -25.89 5.96 1.70
N ASN B 71 -25.86 6.71 0.62
CA ASN B 71 -26.56 6.28 -0.62
C ASN B 71 -25.57 5.74 -1.65
N PRO B 72 -26.04 4.91 -2.62
CA PRO B 72 -25.15 4.38 -3.66
C PRO B 72 -24.38 5.42 -4.44
N GLY B 73 -24.96 6.61 -4.66
CA GLY B 73 -24.31 7.67 -5.44
C GLY B 73 -24.41 9.08 -4.87
N SER B 78 -14.28 12.70 -2.99
CA SER B 78 -15.43 12.20 -3.70
C SER B 78 -15.74 10.72 -3.29
N GLY B 79 -17.02 10.42 -3.28
CA GLY B 79 -17.55 9.12 -2.79
C GLY B 79 -17.80 9.05 -1.27
N ASN B 80 -17.31 10.04 -0.52
CA ASN B 80 -17.53 10.14 0.92
C ASN B 80 -18.50 11.24 1.20
N ASP B 81 -19.45 10.99 2.10
CA ASP B 81 -20.40 12.01 2.55
C ASP B 81 -20.66 11.72 4.01
N ASN B 82 -19.90 12.41 4.85
CA ASN B 82 -19.92 12.07 6.27
C ASN B 82 -19.26 13.16 7.09
N ASN B 83 -19.31 12.98 8.42
CA ASN B 83 -18.77 13.92 9.39
C ASN B 83 -17.44 13.50 10.05
N CYS B 84 -16.74 12.55 9.45
CA CYS B 84 -15.44 12.13 9.88
C CYS B 84 -14.37 13.15 9.43
N THR B 85 -13.24 13.13 10.14
CA THR B 85 -12.10 14.00 9.79
C THR B 85 -11.71 13.82 8.31
N GLY B 86 -11.54 14.94 7.59
CA GLY B 86 -11.42 14.99 6.12
C GLY B 86 -12.61 15.69 5.44
N LYS B 91 -10.70 12.99 1.88
CA LYS B 91 -10.14 11.72 2.31
C LYS B 91 -10.74 11.25 3.65
N ASN B 92 -11.99 11.63 3.83
CA ASN B 92 -12.74 11.18 5.01
C ASN B 92 -13.40 9.84 4.65
N ASP B 93 -12.58 8.80 4.51
CA ASP B 93 -13.01 7.46 4.16
C ASP B 93 -13.18 6.57 5.41
N LEU B 94 -13.40 5.27 5.20
CA LEU B 94 -13.59 4.41 6.32
C LEU B 94 -12.43 4.44 7.31
N GLU B 95 -11.22 4.42 6.77
CA GLU B 95 -10.05 4.45 7.60
C GLU B 95 -9.99 5.70 8.45
N ALA B 96 -10.37 6.83 7.86
CA ALA B 96 -10.42 8.11 8.57
C ALA B 96 -11.45 8.05 9.72
N CYS B 97 -12.64 7.53 9.43
CA CYS B 97 -13.67 7.42 10.46
C CYS B 97 -13.23 6.51 11.60
N LEU B 98 -12.62 5.38 11.25
CA LEU B 98 -12.13 4.48 12.24
C LEU B 98 -11.03 5.11 13.12
N ASN B 99 -10.12 5.89 12.49
CA ASN B 99 -9.12 6.60 13.24
C ASN B 99 -9.71 7.63 14.19
N ASP B 100 -10.84 8.23 13.83
CA ASP B 100 -11.50 9.16 14.74
C ASP B 100 -11.87 8.45 16.03
N VAL B 101 -12.33 7.21 15.91
CA VAL B 101 -12.68 6.43 17.11
C VAL B 101 -11.42 6.01 17.89
N LYS B 102 -10.40 5.56 17.15
CA LYS B 102 -9.12 5.20 17.77
C LYS B 102 -8.53 6.38 18.55
N ASN B 103 -8.57 7.60 17.95
CA ASN B 103 -8.01 8.77 18.60
C ASN B 103 -8.80 9.14 19.86
N TRP B 104 -10.12 9.06 19.78
CA TRP B 104 -10.95 9.38 20.93
C TRP B 104 -10.62 8.40 22.04
N SER B 105 -10.46 7.13 21.67
CA SER B 105 -10.12 6.11 22.69
C SER B 105 -8.79 6.39 23.39
N ASP B 106 -7.78 6.71 22.61
CA ASP B 106 -6.49 7.10 23.19
C ASP B 106 -6.58 8.24 24.19
N LYS B 107 -7.46 9.19 23.90
CA LYS B 107 -7.60 10.40 24.73
C LYS B 107 -8.45 10.11 25.98
N HIS B 108 -9.13 8.97 26.00
CA HIS B 108 -10.02 8.63 27.12
C HIS B 108 -9.71 7.23 27.69
N PRO B 109 -8.53 7.09 28.32
CA PRO B 109 -8.19 5.83 28.92
C PRO B 109 -9.23 5.46 29.99
N GLY B 110 -9.55 4.19 30.06
CA GLY B 110 -10.55 3.68 31.00
C GLY B 110 -11.97 3.83 30.49
N HIS B 111 -12.14 4.11 29.20
CA HIS B 111 -13.48 4.26 28.67
C HIS B 111 -14.30 2.97 28.69
N PHE B 112 -15.59 3.16 28.84
CA PHE B 112 -16.55 2.07 28.66
C PHE B 112 -16.33 1.54 27.22
N PRO B 113 -16.41 0.21 27.02
CA PRO B 113 -16.12 -0.34 25.69
C PRO B 113 -16.96 0.30 24.60
N ILE B 114 -16.33 0.58 23.48
CA ILE B 114 -17.00 1.18 22.34
C ILE B 114 -17.41 0.05 21.38
N THR B 115 -18.67 0.10 20.87
CA THR B 115 -19.13 -0.82 19.86
C THR B 115 -19.37 -0.06 18.58
N LEU B 116 -18.76 -0.54 17.50
CA LEU B 116 -18.89 0.12 16.18
C LEU B 116 -19.62 -0.80 15.24
N ILE B 117 -20.78 -0.38 14.78
CA ILE B 117 -21.55 -1.16 13.79
C ILE B 117 -21.06 -0.76 12.41
N LEU B 118 -20.50 -1.72 11.70
CA LEU B 118 -19.96 -1.50 10.33
C LEU B 118 -20.96 -2.11 9.36
N ASP B 119 -21.76 -1.23 8.78
CA ASP B 119 -22.89 -1.60 7.94
C ASP B 119 -22.41 -1.58 6.50
N LYS B 120 -22.07 -2.78 6.02
CA LYS B 120 -21.49 -2.98 4.67
C LYS B 120 -22.60 -2.85 3.63
N LYS B 121 -22.31 -2.12 2.56
CA LYS B 121 -23.31 -1.80 1.56
C LYS B 121 -23.19 -2.49 0.19
N GLN B 122 -22.02 -3.10 -0.05
CA GLN B 122 -21.73 -3.81 -1.31
C GLN B 122 -21.13 -5.18 -0.95
N GLY B 123 -20.84 -5.99 -1.97
CA GLY B 123 -20.28 -7.31 -1.73
C GLY B 123 -18.79 -7.26 -1.50
N TRP B 124 -18.23 -8.41 -1.17
CA TRP B 124 -16.79 -8.56 -1.01
C TRP B 124 -16.14 -8.58 -2.40
N SER B 125 -14.93 -8.07 -2.50
CA SER B 125 -14.14 -8.22 -3.75
C SER B 125 -13.42 -9.57 -3.76
N LYS B 126 -12.85 -9.90 -4.93
CA LYS B 126 -11.91 -10.99 -5.04
C LYS B 126 -10.52 -10.43 -4.67
N GLU B 127 -9.55 -11.31 -4.58
CA GLU B 127 -8.22 -10.97 -4.07
C GLU B 127 -7.54 -9.85 -4.85
N SER B 128 -7.66 -9.88 -6.18
CA SER B 128 -7.00 -8.90 -7.02
C SER B 128 -7.41 -7.42 -6.76
N SER B 129 -8.63 -7.21 -6.26
CA SER B 129 -9.14 -5.85 -6.03
C SER B 129 -8.89 -5.39 -4.59
N GLY B 130 -8.35 -6.27 -3.73
CA GLY B 130 -7.88 -5.88 -2.37
C GLY B 130 -8.93 -5.40 -1.38
N ARG B 131 -10.15 -5.88 -1.53
CA ARG B 131 -11.26 -5.63 -0.57
C ARG B 131 -11.94 -6.94 -0.16
N THR B 132 -11.13 -7.94 0.16
CA THR B 132 -11.62 -9.20 0.65
C THR B 132 -11.87 -9.15 2.17
N PRO B 133 -12.48 -10.20 2.74
CA PRO B 133 -12.57 -10.23 4.22
C PRO B 133 -11.20 -10.09 4.92
N LYS B 134 -10.16 -10.73 4.36
N LYS B 134 -10.17 -10.73 4.34
CA LYS B 134 -8.81 -10.59 4.94
CA LYS B 134 -8.82 -10.62 4.86
C LYS B 134 -8.32 -9.15 4.87
C LYS B 134 -8.32 -9.18 4.85
N ASP B 135 -8.52 -8.48 3.74
CA ASP B 135 -8.13 -7.08 3.64
C ASP B 135 -8.88 -6.19 4.63
N PHE B 136 -10.16 -6.50 4.86
CA PHE B 136 -10.95 -5.77 5.88
C PHE B 136 -10.40 -5.96 7.30
N ASP B 137 -10.15 -7.21 7.65
CA ASP B 137 -9.53 -7.52 8.93
C ASP B 137 -8.19 -6.81 9.06
N GLU B 138 -7.36 -6.84 8.02
CA GLU B 138 -6.08 -6.14 8.09
C GLU B 138 -6.24 -4.64 8.34
N LEU B 139 -7.24 -4.01 7.73
CA LEU B 139 -7.42 -2.57 7.97
C LEU B 139 -7.81 -2.36 9.43
N VAL B 140 -8.83 -3.08 9.90
CA VAL B 140 -9.32 -2.76 11.26
C VAL B 140 -8.29 -3.07 12.31
N ALA B 141 -7.51 -4.12 12.08
CA ALA B 141 -6.39 -4.44 12.97
C ALA B 141 -5.28 -3.39 13.00
N ARG B 142 -4.91 -2.87 11.84
CA ARG B 142 -3.89 -1.83 11.72
C ARG B 142 -4.32 -0.59 12.45
N VAL B 143 -5.61 -0.22 12.30
CA VAL B 143 -6.12 1.01 12.96
C VAL B 143 -6.19 0.84 14.50
N PHE B 144 -6.83 -0.23 14.93
CA PHE B 144 -7.15 -0.39 16.35
C PHE B 144 -6.12 -1.17 17.17
N GLN B 145 -5.35 -2.04 16.51
CA GLN B 145 -4.34 -2.88 17.14
C GLN B 145 -4.89 -3.59 18.34
N GLY B 146 -4.26 -3.43 19.48
CA GLY B 146 -4.67 -4.18 20.65
C GLY B 146 -5.93 -3.69 21.35
N LYS B 147 -6.59 -2.63 20.83
CA LYS B 147 -7.82 -2.17 21.41
C LYS B 147 -8.99 -3.18 21.14
N LEU B 148 -8.88 -4.04 20.14
CA LEU B 148 -9.97 -4.91 19.78
C LEU B 148 -10.24 -6.03 20.78
N PHE B 149 -11.53 -6.28 20.97
CA PHE B 149 -12.05 -7.48 21.63
C PHE B 149 -12.81 -8.19 20.52
N THR B 150 -12.40 -9.42 20.26
CA THR B 150 -12.86 -10.17 19.11
C THR B 150 -13.68 -11.43 19.50
N PRO B 151 -14.30 -12.09 18.49
CA PRO B 151 -15.02 -13.33 18.79
C PRO B 151 -14.17 -14.40 19.47
N GLN B 152 -12.90 -14.56 19.06
CA GLN B 152 -12.07 -15.56 19.73
C GLN B 152 -11.81 -15.17 21.19
N ASP B 153 -11.70 -13.87 21.46
CA ASP B 153 -11.55 -13.45 22.84
C ASP B 153 -12.76 -13.85 23.72
N LEU B 154 -13.94 -13.67 23.16
CA LEU B 154 -15.16 -14.06 23.85
C LEU B 154 -15.21 -15.57 24.04
N ALA B 155 -14.84 -16.31 23.01
CA ALA B 155 -14.84 -17.75 23.05
C ALA B 155 -13.92 -18.27 24.12
N THR B 156 -12.70 -17.72 24.21
CA THR B 156 -11.81 -18.14 25.29
C THR B 156 -12.42 -17.82 26.66
N HIS B 157 -13.06 -16.65 26.75
CA HIS B 157 -13.67 -16.28 28.04
C HIS B 157 -14.69 -17.31 28.55
N ILE B 158 -15.51 -17.83 27.63
CA ILE B 158 -16.56 -18.80 27.99
C ILE B 158 -16.15 -20.28 27.85
N GLY B 159 -14.90 -20.56 27.45
CA GLY B 159 -14.39 -21.96 27.28
C GLY B 159 -14.93 -22.70 26.06
N SER B 160 -15.16 -21.96 24.97
CA SER B 160 -15.73 -22.50 23.74
C SER B 160 -14.78 -22.30 22.60
N GLY B 161 -14.93 -23.11 21.53
CA GLY B 161 -14.41 -22.70 20.24
C GLY B 161 -15.23 -21.52 19.71
N ALA B 162 -14.60 -20.68 18.92
CA ALA B 162 -15.25 -19.53 18.31
C ALA B 162 -16.40 -19.96 17.36
N GLY B 163 -16.25 -21.13 16.73
CA GLY B 163 -17.29 -21.63 15.84
C GLY B 163 -18.44 -22.30 16.52
N ALA B 164 -18.46 -22.24 17.85
CA ALA B 164 -19.61 -22.68 18.61
C ALA B 164 -20.12 -21.64 19.59
N LEU B 165 -19.79 -20.38 19.38
CA LEU B 165 -20.33 -19.32 20.21
C LEU B 165 -21.85 -19.32 20.22
N GLN B 166 -22.43 -19.58 19.04
CA GLN B 166 -23.87 -19.39 18.87
C GLN B 166 -24.67 -20.04 19.96
N GLY B 167 -24.40 -21.31 20.16
CA GLY B 167 -25.08 -22.10 21.15
C GLY B 167 -24.43 -22.09 22.51
N ASN B 168 -23.10 -21.99 22.52
CA ASN B 168 -22.36 -22.11 23.81
C ASN B 168 -22.52 -20.86 24.69
N LEU B 169 -22.92 -19.74 24.08
CA LEU B 169 -23.19 -18.51 24.83
C LEU B 169 -24.39 -18.60 25.77
N LYS B 170 -25.32 -19.52 25.46
CA LYS B 170 -26.52 -19.62 26.24
C LYS B 170 -26.12 -20.01 27.68
N GLY B 171 -26.56 -19.21 28.64
CA GLY B 171 -26.26 -19.46 30.04
C GLY B 171 -24.93 -18.90 30.53
N LYS B 172 -24.21 -18.19 29.65
CA LYS B 172 -22.87 -17.71 29.95
C LYS B 172 -22.87 -16.18 29.98
N SER B 173 -21.87 -15.65 30.64
CA SER B 173 -21.70 -14.17 30.80
C SER B 173 -20.55 -13.72 29.94
N TRP B 174 -20.72 -12.59 29.26
CA TRP B 174 -19.60 -11.90 28.62
C TRP B 174 -18.75 -11.27 29.73
N PRO B 175 -17.50 -10.88 29.42
CA PRO B 175 -16.74 -10.05 30.35
C PRO B 175 -17.54 -8.82 30.77
N THR B 176 -17.26 -8.29 31.95
CA THR B 176 -17.91 -7.07 32.40
C THR B 176 -17.40 -5.85 31.66
N ALA B 177 -18.15 -4.79 31.78
CA ALA B 177 -17.73 -3.51 31.23
C ALA B 177 -16.34 -3.12 31.82
N ASN B 178 -16.15 -3.32 33.12
CA ASN B 178 -14.81 -3.10 33.71
C ASN B 178 -13.71 -3.95 33.07
N ASP B 179 -13.99 -5.22 32.80
CA ASP B 179 -13.03 -6.09 32.12
C ASP B 179 -12.72 -5.56 30.71
N LEU B 180 -13.70 -4.92 30.06
CA LEU B 180 -13.58 -4.40 28.72
C LEU B 180 -13.23 -2.92 28.63
N GLN B 181 -12.74 -2.34 29.73
CA GLN B 181 -12.36 -0.95 29.68
C GLN B 181 -11.30 -0.70 28.61
N GLY B 182 -11.47 0.39 27.83
CA GLY B 182 -10.54 0.71 26.78
C GLY B 182 -10.64 -0.10 25.53
N LYS B 183 -11.64 -1.01 25.46
CA LYS B 183 -11.76 -1.90 24.29
C LYS B 183 -12.70 -1.38 23.25
N VAL B 184 -12.51 -1.88 22.05
CA VAL B 184 -13.36 -1.59 20.87
C VAL B 184 -13.88 -2.92 20.35
N LEU B 185 -15.19 -3.01 20.15
CA LEU B 185 -15.85 -4.15 19.54
C LEU B 185 -16.38 -3.77 18.18
N LEU B 186 -16.04 -4.53 17.15
CA LEU B 186 -16.47 -4.24 15.78
C LEU B 186 -17.55 -5.24 15.38
N VAL B 187 -18.58 -4.74 14.72
CA VAL B 187 -19.75 -5.57 14.36
C VAL B 187 -20.04 -5.38 12.88
N LEU B 188 -20.24 -6.49 12.17
CA LEU B 188 -20.54 -6.45 10.72
C LEU B 188 -22.04 -6.66 10.52
N ASN B 189 -22.63 -5.76 9.74
CA ASN B 189 -24.04 -5.89 9.28
C ASN B 189 -24.01 -5.84 7.76
N HIS B 190 -25.10 -6.32 7.15
CA HIS B 190 -25.34 -6.18 5.70
C HIS B 190 -26.81 -6.51 5.51
N SER B 191 -27.48 -5.99 4.49
CA SER B 191 -28.89 -6.45 4.32
C SER B 191 -29.01 -7.95 3.99
N GLU B 192 -27.97 -8.54 3.43
CA GLU B 192 -27.90 -9.96 3.01
C GLU B 192 -26.96 -10.74 3.93
N ASN B 193 -27.54 -11.69 4.70
CA ASN B 193 -26.74 -12.52 5.57
C ASN B 193 -25.66 -13.31 4.83
N GLN B 194 -25.82 -13.51 3.52
CA GLN B 194 -24.79 -14.20 2.73
C GLN B 194 -23.40 -13.53 2.89
N LYS B 195 -23.39 -12.20 2.98
CA LYS B 195 -22.13 -11.48 3.05
C LYS B 195 -21.44 -11.73 4.40
N LEU B 196 -22.24 -11.96 5.45
CA LEU B 196 -21.67 -12.27 6.75
C LEU B 196 -21.15 -13.71 6.78
N SER B 197 -21.86 -14.58 6.08
CA SER B 197 -21.47 -15.98 6.00
C SER B 197 -20.12 -16.11 5.24
N GLN B 198 -19.98 -15.31 4.18
CA GLN B 198 -18.75 -15.28 3.41
C GLN B 198 -17.58 -14.78 4.26
N TYR B 199 -17.85 -13.72 5.06
CA TYR B 199 -16.84 -13.21 5.99
C TYR B 199 -16.39 -14.28 6.99
N ALA B 200 -17.38 -14.93 7.61
CA ALA B 200 -17.05 -15.93 8.61
C ALA B 200 -16.37 -17.17 8.05
N GLU B 201 -16.77 -17.57 6.87
CA GLU B 201 -16.10 -18.71 6.24
C GLU B 201 -14.65 -18.38 5.86
N ALA B 202 -14.38 -17.12 5.53
CA ALA B 202 -13.02 -16.71 5.16
C ALA B 202 -12.10 -16.60 6.39
N ARG B 203 -12.63 -16.03 7.48
CA ARG B 203 -11.82 -15.63 8.59
C ARG B 203 -11.82 -16.60 9.76
N THR B 204 -12.86 -17.41 9.88
CA THR B 204 -13.03 -18.37 11.01
C THR B 204 -12.64 -17.77 12.37
N SER B 205 -11.82 -18.45 13.16
N SER B 205 -11.79 -18.44 13.14
CA SER B 205 -11.47 -17.99 14.50
CA SER B 205 -11.43 -18.00 14.49
C SER B 205 -10.51 -16.80 14.51
C SER B 205 -10.49 -16.80 14.50
N LYS B 206 -9.96 -16.43 13.36
CA LYS B 206 -9.09 -15.23 13.27
C LYS B 206 -9.87 -13.92 13.11
N ALA B 207 -11.18 -14.02 12.91
CA ALA B 207 -12.00 -12.85 12.66
C ALA B 207 -11.76 -11.72 13.65
N LYS B 208 -11.62 -10.50 13.14
CA LYS B 208 -11.49 -9.33 14.00
C LYS B 208 -12.85 -8.75 14.33
N VAL B 209 -13.92 -9.17 13.64
CA VAL B 209 -15.23 -8.54 13.68
C VAL B 209 -16.25 -9.58 14.07
N PHE B 210 -17.22 -9.15 14.87
CA PHE B 210 -18.42 -9.92 15.16
C PHE B 210 -19.43 -9.86 14.05
N ILE B 211 -19.91 -11.03 13.56
CA ILE B 211 -21.03 -10.98 12.61
C ILE B 211 -22.37 -10.84 13.35
N SER B 212 -23.28 -10.03 12.82
CA SER B 212 -24.59 -9.85 13.48
C SER B 212 -25.65 -9.90 12.37
N PRO B 213 -26.25 -11.08 12.15
CA PRO B 213 -27.17 -11.25 11.00
C PRO B 213 -28.54 -10.60 11.23
N VAL B 214 -29.15 -10.29 10.08
CA VAL B 214 -30.55 -9.97 10.00
C VAL B 214 -31.31 -11.12 10.67
N THR B 215 -32.13 -10.74 11.65
CA THR B 215 -32.82 -11.69 12.49
C THR B 215 -34.35 -11.51 12.47
N ASN B 216 -35.04 -12.55 12.01
CA ASN B 216 -36.51 -12.52 11.97
C ASN B 216 -37.18 -13.86 12.22
N GLY B 217 -36.42 -14.74 12.81
CA GLY B 217 -36.90 -16.05 13.20
C GLY B 217 -35.95 -16.68 14.17
N GLN B 218 -36.43 -17.73 14.83
CA GLN B 218 -35.66 -18.38 15.86
C GLN B 218 -34.33 -18.96 15.33
N ASN B 219 -34.36 -19.53 14.13
CA ASN B 219 -33.15 -20.07 13.54
C ASN B 219 -32.04 -19.04 13.36
N ASP B 220 -32.39 -17.74 13.23
CA ASP B 220 -31.37 -16.71 13.12
C ASP B 220 -30.61 -16.45 14.42
N ILE B 221 -31.19 -16.85 15.56
CA ILE B 221 -30.53 -16.80 16.87
C ILE B 221 -29.77 -18.09 17.07
N SER B 222 -30.43 -19.23 16.90
CA SER B 222 -29.96 -20.49 17.47
C SER B 222 -29.81 -21.68 16.52
N GLY B 223 -30.03 -21.45 15.22
CA GLY B 223 -29.94 -22.58 14.26
C GLY B 223 -29.16 -22.18 13.03
N LYS B 224 -29.56 -22.75 11.90
CA LYS B 224 -28.96 -22.38 10.63
C LYS B 224 -29.60 -21.07 10.28
N VAL B 225 -28.77 -20.01 10.30
CA VAL B 225 -29.28 -18.70 10.08
C VAL B 225 -29.69 -18.55 8.61
N SER B 226 -30.75 -17.78 8.38
CA SER B 226 -31.21 -17.61 7.02
C SER B 226 -30.10 -16.97 6.20
N GLY B 227 -29.85 -17.52 5.01
CA GLY B 227 -28.83 -17.00 4.09
C GLY B 227 -27.39 -17.33 4.46
N MET B 228 -27.22 -18.15 5.50
CA MET B 228 -25.86 -18.57 5.94
C MET B 228 -25.67 -20.05 6.02
N SER B 229 -24.41 -20.47 5.95
CA SER B 229 -24.05 -21.86 6.19
C SER B 229 -24.22 -22.18 7.69
N SER B 230 -24.35 -23.45 8.01
CA SER B 230 -24.30 -23.91 9.37
C SER B 230 -22.98 -23.52 10.06
N GLN B 231 -21.86 -23.68 9.34
CA GLN B 231 -20.57 -23.36 9.89
C GLN B 231 -20.53 -21.91 10.26
N SER B 232 -20.98 -21.01 9.40
CA SER B 232 -20.93 -19.59 9.77
C SER B 232 -21.91 -19.24 10.90
N SER B 233 -23.05 -19.94 10.95
CA SER B 233 -24.06 -19.69 11.97
C SER B 233 -23.46 -19.92 13.36
N GLY B 234 -22.51 -20.86 13.49
CA GLY B 234 -21.93 -21.15 14.79
C GLY B 234 -21.09 -20.03 15.39
N TYR B 235 -20.66 -19.08 14.57
CA TYR B 235 -19.88 -17.91 15.07
C TYR B 235 -20.81 -16.79 15.60
N VAL B 236 -22.13 -16.92 15.45
CA VAL B 236 -23.03 -15.79 15.75
C VAL B 236 -23.15 -15.53 17.25
N ALA B 237 -22.72 -14.34 17.64
CA ALA B 237 -22.77 -13.87 19.04
C ALA B 237 -23.57 -12.58 19.20
N MET B 238 -24.15 -12.10 18.11
CA MET B 238 -24.88 -10.84 18.01
C MET B 238 -26.02 -11.03 17.00
N ASN B 239 -27.11 -10.27 17.16
CA ASN B 239 -28.22 -10.29 16.23
C ASN B 239 -28.73 -8.92 15.95
N ASN B 240 -29.15 -8.65 14.71
CA ASN B 240 -29.58 -7.32 14.29
C ASN B 240 -31.03 -7.39 13.84
N MET B 241 -31.85 -6.50 14.38
N MET B 241 -31.84 -6.49 14.38
CA MET B 241 -33.28 -6.50 14.11
CA MET B 241 -33.28 -6.50 14.19
C MET B 241 -33.78 -5.15 13.74
C MET B 241 -33.80 -5.15 13.76
N GLY B 242 -34.65 -5.10 12.73
CA GLY B 242 -35.44 -3.96 12.49
C GLY B 242 -36.62 -3.87 13.44
N LYS B 243 -37.35 -2.77 13.32
CA LYS B 243 -38.45 -2.43 14.23
C LYS B 243 -39.45 -3.60 14.34
N GLY B 244 -39.78 -4.18 13.19
CA GLY B 244 -40.81 -5.21 13.17
C GLY B 244 -40.38 -6.55 13.71
N ASP B 245 -39.08 -6.69 13.94
CA ASP B 245 -38.51 -7.95 14.39
C ASP B 245 -37.98 -7.90 15.80
N LYS B 246 -38.31 -6.85 16.54
CA LYS B 246 -37.67 -6.64 17.84
C LYS B 246 -38.06 -7.65 18.89
N SER B 247 -39.17 -8.35 18.67
CA SER B 247 -39.56 -9.43 19.59
C SER B 247 -38.45 -10.48 19.77
N TRP B 248 -37.60 -10.63 18.75
CA TRP B 248 -36.51 -11.61 18.81
C TRP B 248 -35.37 -11.20 19.78
N ALA B 249 -35.38 -9.95 20.25
CA ALA B 249 -34.36 -9.52 21.20
C ALA B 249 -34.42 -10.37 22.45
N LYS B 250 -35.63 -10.78 22.88
CA LYS B 250 -35.74 -11.65 24.05
C LYS B 250 -34.95 -12.95 23.88
N GLN B 251 -34.94 -13.48 22.65
CA GLN B 251 -34.14 -14.65 22.34
C GLN B 251 -32.66 -14.36 22.31
N ALA B 252 -32.27 -13.24 21.69
CA ALA B 252 -30.88 -12.85 21.78
C ALA B 252 -30.42 -12.78 23.23
N PHE B 253 -31.23 -12.14 24.07
CA PHE B 253 -30.93 -12.03 25.51
C PHE B 253 -30.80 -13.40 26.16
N ALA B 254 -31.72 -14.32 25.85
CA ALA B 254 -31.68 -15.67 26.38
C ALA B 254 -30.40 -16.43 26.00
N TYR B 255 -29.87 -16.12 24.81
CA TYR B 255 -28.69 -16.77 24.29
C TYR B 255 -27.39 -16.03 24.59
N SER B 256 -27.44 -14.97 25.37
CA SER B 256 -26.28 -14.11 25.56
C SER B 256 -25.67 -13.62 24.26
N HIS B 257 -26.49 -13.34 23.26
CA HIS B 257 -26.04 -12.63 22.11
C HIS B 257 -26.39 -11.15 22.27
N ILE B 258 -25.55 -10.27 21.74
CA ILE B 258 -25.81 -8.82 21.82
C ILE B 258 -26.84 -8.43 20.73
N GLY B 259 -28.08 -8.13 21.16
CA GLY B 259 -29.14 -7.79 20.24
C GLY B 259 -29.15 -6.27 20.00
N ARG B 260 -29.37 -5.86 18.74
CA ARG B 260 -29.50 -4.50 18.35
C ARG B 260 -30.83 -4.34 17.61
N VAL B 261 -31.57 -3.27 17.92
CA VAL B 261 -32.77 -2.94 17.22
C VAL B 261 -32.64 -1.52 16.66
N TRP B 262 -32.89 -1.38 15.36
CA TRP B 262 -32.82 -0.13 14.65
C TRP B 262 -34.19 0.22 14.05
N GLY B 263 -34.41 1.50 13.83
CA GLY B 263 -35.64 1.98 13.23
C GLY B 263 -36.81 2.14 14.17
N ASP B 264 -36.60 1.95 15.47
CA ASP B 264 -37.70 2.06 16.43
C ASP B 264 -37.63 3.32 17.24
N ASP B 265 -37.43 4.47 16.57
CA ASP B 265 -37.14 5.72 17.26
C ASP B 265 -38.27 6.28 18.13
N GLU B 266 -39.49 5.84 17.90
CA GLU B 266 -40.60 6.42 18.64
C GLU B 266 -40.78 5.75 20.00
N VAL B 267 -40.04 4.68 20.26
CA VAL B 267 -40.16 3.92 21.50
C VAL B 267 -38.98 4.30 22.41
N SER B 268 -39.31 4.53 23.69
CA SER B 268 -38.35 4.99 24.65
C SER B 268 -37.27 3.97 24.97
N PHE B 269 -36.15 4.47 25.46
CA PHE B 269 -35.10 3.58 25.97
C PHE B 269 -35.61 2.64 27.07
N ALA B 270 -36.39 3.19 28.01
CA ALA B 270 -36.97 2.37 29.07
C ALA B 270 -37.77 1.19 28.54
N GLN B 271 -38.58 1.45 27.51
CA GLN B 271 -39.35 0.38 26.93
C GLN B 271 -38.43 -0.65 26.24
N HIS B 272 -37.45 -0.17 25.48
CA HIS B 272 -36.48 -1.10 24.90
C HIS B 272 -35.74 -1.96 25.93
N ILE B 273 -35.44 -1.39 27.08
CA ILE B 273 -34.89 -2.16 28.20
C ILE B 273 -35.81 -3.33 28.61
N ASN B 274 -37.09 -3.04 28.76
CA ASN B 274 -38.05 -4.04 29.14
C ASN B 274 -38.14 -5.14 28.05
N GLN B 275 -37.85 -4.76 26.81
CA GLN B 275 -37.87 -5.64 25.63
C GLN B 275 -36.55 -6.40 25.44
N LYS B 276 -35.63 -6.27 26.39
CA LYS B 276 -34.39 -7.06 26.47
C LYS B 276 -33.44 -6.76 25.31
N ILE B 277 -33.44 -5.53 24.84
CA ILE B 277 -32.58 -5.07 23.72
C ILE B 277 -31.28 -4.45 24.25
N ASN B 278 -30.14 -5.00 23.86
CA ASN B 278 -28.86 -4.49 24.33
C ASN B 278 -28.52 -3.15 23.68
N LEU B 279 -28.76 -3.00 22.38
CA LEU B 279 -28.35 -1.76 21.66
C LEU B 279 -29.56 -1.23 20.91
N SER B 280 -30.07 -0.11 21.38
CA SER B 280 -31.27 0.54 20.75
C SER B 280 -30.74 1.73 19.95
N ALA B 281 -30.82 1.61 18.64
CA ALA B 281 -30.30 2.62 17.74
C ALA B 281 -31.30 3.76 17.45
N TYR B 282 -30.85 5.00 17.62
CA TYR B 282 -31.68 6.18 17.40
C TYR B 282 -30.91 7.17 16.54
N TYR B 283 -31.63 7.82 15.62
CA TYR B 283 -31.08 9.00 14.92
C TYR B 283 -30.70 10.11 15.89
N ARG B 284 -31.62 10.40 16.83
CA ARG B 284 -31.44 11.44 17.85
C ARG B 284 -31.11 10.76 19.19
N PHE B 285 -29.88 10.25 19.26
CA PHE B 285 -29.39 9.48 20.40
C PHE B 285 -29.31 10.27 21.67
N ALA B 286 -28.91 11.53 21.57
CA ALA B 286 -28.73 12.29 22.80
C ALA B 286 -30.04 12.55 23.49
N ALA B 287 -31.18 12.59 22.76
CA ALA B 287 -32.50 12.86 23.37
C ALA B 287 -33.09 11.70 24.18
N GLN B 288 -32.41 10.57 24.13
CA GLN B 288 -32.86 9.34 24.78
C GLN B 288 -32.16 9.15 26.11
N SER B 289 -32.89 8.61 27.08
CA SER B 289 -32.33 8.27 28.39
C SER B 289 -33.40 7.56 29.20
N ALA B 290 -32.97 6.86 30.23
CA ALA B 290 -33.88 6.21 31.18
C ALA B 290 -33.33 6.41 32.57
N GLY B 291 -34.08 7.11 33.42
CA GLY B 291 -33.51 7.59 34.70
C GLY B 291 -32.21 8.38 34.58
N GLY B 292 -32.10 9.18 33.52
CA GLY B 292 -30.91 9.98 33.29
C GLY B 292 -29.76 9.25 32.61
N TYR B 293 -29.87 7.94 32.36
CA TYR B 293 -28.78 7.13 31.85
C TYR B 293 -29.05 6.71 30.40
N ARG B 294 -27.95 6.59 29.63
CA ARG B 294 -27.97 5.99 28.30
C ARG B 294 -27.31 4.63 28.29
N ILE B 295 -26.64 4.26 29.39
CA ILE B 295 -26.03 2.94 29.54
C ILE B 295 -26.38 2.46 30.95
N ARG B 296 -27.00 1.30 31.07
CA ARG B 296 -27.37 0.78 32.39
C ARG B 296 -27.67 -0.70 32.33
N PRO B 297 -27.50 -1.42 33.46
CA PRO B 297 -27.95 -2.82 33.48
C PRO B 297 -29.45 -2.93 33.20
N PHE B 298 -29.88 -4.03 32.57
CA PHE B 298 -31.31 -4.34 32.48
C PHE B 298 -32.04 -4.38 33.82
N GLN C 2 -54.75 -35.47 -27.23
CA GLN C 2 -53.58 -34.60 -26.88
C GLN C 2 -53.30 -33.55 -27.97
N GLU C 3 -52.94 -32.35 -27.56
CA GLU C 3 -52.37 -31.39 -28.52
C GLU C 3 -50.99 -31.79 -29.05
N SER C 4 -50.60 -31.24 -30.20
CA SER C 4 -49.34 -31.64 -30.78
C SER C 4 -48.44 -30.54 -31.38
N PRO C 5 -48.28 -29.40 -30.67
CA PRO C 5 -47.30 -28.43 -31.21
C PRO C 5 -45.93 -29.04 -31.25
N ALA C 6 -45.09 -28.63 -32.23
CA ALA C 6 -43.72 -29.20 -32.38
C ALA C 6 -42.80 -29.06 -31.17
N PHE C 7 -43.05 -28.05 -30.31
CA PHE C 7 -42.13 -27.81 -29.21
C PHE C 7 -42.31 -28.80 -28.06
N ILE C 8 -43.37 -29.63 -28.08
CA ILE C 8 -43.58 -30.65 -27.03
C ILE C 8 -43.11 -32.02 -27.53
N ASP C 9 -42.16 -32.59 -26.84
CA ASP C 9 -41.72 -33.93 -27.12
C ASP C 9 -42.89 -34.85 -26.71
N PRO C 10 -43.43 -35.63 -27.66
CA PRO C 10 -44.58 -36.47 -27.24
C PRO C 10 -44.31 -37.46 -26.12
N ALA C 11 -43.02 -37.75 -25.85
CA ALA C 11 -42.67 -38.63 -24.71
C ALA C 11 -43.16 -38.02 -23.40
N SER C 12 -43.29 -36.69 -23.40
CA SER C 12 -43.75 -35.96 -22.19
C SER C 12 -45.09 -36.46 -21.65
N TRP C 13 -45.99 -36.85 -22.56
CA TRP C 13 -47.36 -37.19 -22.17
C TRP C 13 -47.41 -38.33 -21.21
N ASN C 14 -46.51 -39.30 -21.39
CA ASN C 14 -46.46 -40.49 -20.52
C ASN C 14 -45.64 -40.33 -19.24
N THR C 15 -45.07 -39.12 -19.06
CA THR C 15 -44.08 -38.88 -18.02
C THR C 15 -44.76 -38.17 -16.84
N PRO C 16 -44.46 -38.58 -15.60
CA PRO C 16 -44.93 -37.80 -14.44
C PRO C 16 -44.51 -36.34 -14.59
N PHE C 17 -45.35 -35.45 -14.15
CA PHE C 17 -45.07 -34.01 -14.33
C PHE C 17 -43.74 -33.58 -13.73
N ASN C 18 -43.37 -34.19 -12.60
CA ASN C 18 -42.06 -33.92 -11.98
C ASN C 18 -40.83 -34.44 -12.76
N GLY C 19 -41.07 -35.30 -13.75
CA GLY C 19 -40.06 -35.78 -14.64
C GLY C 19 -39.92 -35.02 -15.93
N ILE C 20 -40.60 -33.88 -16.06
CA ILE C 20 -40.62 -33.09 -17.28
C ILE C 20 -39.87 -31.80 -17.10
N ALA C 21 -38.99 -31.47 -18.05
CA ALA C 21 -38.28 -30.18 -18.15
C ALA C 21 -38.99 -29.29 -19.12
N GLN C 22 -39.08 -28.00 -18.74
CA GLN C 22 -39.77 -27.01 -19.54
C GLN C 22 -39.01 -25.72 -19.60
N VAL C 23 -39.04 -25.10 -20.77
CA VAL C 23 -38.74 -23.66 -20.89
C VAL C 23 -39.97 -22.90 -20.40
N ALA C 24 -39.77 -21.95 -19.50
CA ALA C 24 -40.84 -21.08 -18.99
C ALA C 24 -40.53 -19.64 -19.35
N CYS C 25 -41.55 -18.78 -19.27
CA CYS C 25 -41.32 -17.37 -19.45
C CYS C 25 -40.82 -16.75 -18.16
N HIS C 26 -40.20 -15.58 -18.27
CA HIS C 26 -39.89 -14.76 -17.10
C HIS C 26 -40.54 -13.39 -17.41
N ASN C 27 -41.52 -13.02 -16.61
CA ASN C 27 -42.20 -11.72 -16.73
C ASN C 27 -42.82 -11.46 -18.11
N CYS C 28 -43.38 -12.51 -18.68
CA CYS C 28 -43.92 -12.38 -20.04
C CYS C 28 -45.20 -11.59 -20.17
N TYR C 29 -45.71 -11.06 -19.06
CA TYR C 29 -46.81 -10.09 -19.08
C TYR C 29 -46.31 -8.71 -19.53
N GLU C 30 -45.01 -8.47 -19.51
CA GLU C 30 -44.46 -7.19 -19.99
C GLU C 30 -44.47 -7.07 -21.51
N LYS C 31 -44.88 -5.90 -22.00
CA LYS C 31 -44.95 -5.63 -23.45
C LYS C 31 -43.62 -5.83 -24.15
N GLN C 32 -42.49 -5.58 -23.43
CA GLN C 32 -41.18 -5.77 -24.04
C GLN C 32 -40.85 -7.24 -24.38
N TYR C 33 -41.57 -8.19 -23.76
CA TYR C 33 -41.30 -9.63 -23.97
C TYR C 33 -42.35 -10.38 -24.79
N ALA C 34 -43.54 -9.81 -24.99
CA ALA C 34 -44.58 -10.40 -25.85
C ALA C 34 -45.62 -9.34 -26.18
N ASN C 35 -46.20 -9.41 -27.37
CA ASN C 35 -47.20 -8.41 -27.78
C ASN C 35 -48.53 -8.62 -27.04
N THR C 36 -48.87 -9.87 -26.76
CA THR C 36 -50.08 -10.21 -25.97
C THR C 36 -49.69 -11.34 -25.03
N PHE C 37 -50.36 -11.41 -23.88
CA PHE C 37 -50.08 -12.48 -22.91
C PHE C 37 -50.46 -13.85 -23.49
N SER C 38 -51.62 -13.93 -24.18
CA SER C 38 -52.09 -15.17 -24.80
C SER C 38 -51.06 -15.70 -25.80
N SER C 39 -50.40 -14.80 -26.55
CA SER C 39 -49.42 -15.23 -27.56
C SER C 39 -48.25 -16.08 -26.99
N VAL C 40 -47.96 -15.92 -25.72
CA VAL C 40 -46.89 -16.65 -25.10
C VAL C 40 -47.12 -18.18 -25.19
N LEU C 41 -48.41 -18.55 -25.12
CA LEU C 41 -48.84 -19.95 -25.23
C LEU C 41 -48.62 -20.53 -26.64
N ASP C 42 -48.22 -19.72 -27.62
CA ASP C 42 -47.72 -20.33 -28.88
C ASP C 42 -46.36 -21.05 -28.74
N SER C 43 -45.61 -20.76 -27.65
CA SER C 43 -44.24 -21.22 -27.49
C SER C 43 -43.95 -22.02 -26.19
N VAL C 44 -44.66 -21.74 -25.10
CA VAL C 44 -44.44 -22.40 -23.83
C VAL C 44 -45.75 -22.70 -23.14
N ARG C 45 -45.64 -23.47 -22.04
CA ARG C 45 -46.80 -23.78 -21.20
C ARG C 45 -46.62 -23.33 -19.73
N THR C 46 -45.60 -22.51 -19.47
CA THR C 46 -45.38 -21.97 -18.12
C THR C 46 -45.17 -20.48 -18.23
N LEU C 47 -46.05 -19.71 -17.55
CA LEU C 47 -46.15 -18.25 -17.70
C LEU C 47 -45.96 -17.60 -16.30
N GLU C 48 -45.92 -16.29 -16.26
CA GLU C 48 -45.69 -15.54 -15.04
C GLU C 48 -46.44 -14.20 -15.05
N LEU C 49 -47.05 -13.88 -13.91
CA LEU C 49 -47.71 -12.61 -13.64
C LEU C 49 -47.23 -12.02 -12.34
N ASP C 50 -46.86 -10.75 -12.37
CA ASP C 50 -46.51 -10.00 -11.18
C ASP C 50 -47.69 -9.18 -10.73
N PHE C 51 -48.17 -9.39 -9.50
CA PHE C 51 -49.46 -8.83 -9.08
C PHE C 51 -49.36 -8.02 -7.81
N TRP C 52 -50.06 -6.89 -7.85
CA TRP C 52 -49.97 -5.83 -6.85
C TRP C 52 -51.33 -5.57 -6.25
N ASP C 53 -51.32 -5.28 -4.96
CA ASP C 53 -52.61 -4.92 -4.29
C ASP C 53 -53.05 -3.50 -4.60
N GLN C 54 -52.07 -2.62 -4.61
CA GLN C 54 -52.36 -1.20 -4.73
C GLN C 54 -52.03 -0.70 -6.16
N ARG C 55 -52.63 0.45 -6.52
CA ARG C 55 -52.29 1.11 -7.80
C ARG C 55 -50.86 1.57 -7.83
N ASP C 56 -50.36 1.98 -6.68
CA ASP C 56 -48.95 2.33 -6.54
C ASP C 56 -48.36 1.60 -5.33
N ALA C 57 -47.40 2.17 -4.62
CA ALA C 57 -46.84 1.49 -3.47
C ALA C 57 -47.80 1.42 -2.22
N VAL C 58 -48.79 2.33 -2.17
CA VAL C 58 -49.44 2.67 -0.91
C VAL C 58 -50.93 3.01 -1.04
N SER C 59 -51.52 2.96 -2.25
CA SER C 59 -52.89 3.47 -2.39
C SER C 59 -53.57 2.92 -3.61
N GLY C 60 -54.89 2.96 -3.59
CA GLY C 60 -55.68 2.65 -4.73
C GLY C 60 -56.13 1.23 -4.91
N GLY C 61 -55.92 0.38 -3.89
CA GLY C 61 -56.54 -0.99 -3.98
C GLY C 61 -58.07 -0.98 -3.95
N SER C 62 -58.65 -2.09 -4.44
CA SER C 62 -60.08 -2.36 -4.32
C SER C 62 -60.25 -3.85 -3.90
N PRO C 63 -61.39 -4.17 -3.27
CA PRO C 63 -61.61 -5.55 -2.89
C PRO C 63 -61.69 -6.53 -4.05
N HIS C 64 -61.13 -7.74 -3.84
CA HIS C 64 -61.30 -8.87 -4.78
C HIS C 64 -60.67 -8.55 -6.13
N HIS C 65 -59.65 -7.71 -6.10
CA HIS C 65 -58.99 -7.18 -7.28
C HIS C 65 -57.50 -7.03 -7.05
N TRP C 66 -56.70 -7.32 -8.08
CA TRP C 66 -55.25 -7.04 -8.01
C TRP C 66 -54.83 -6.52 -9.38
N PHE C 67 -53.79 -5.69 -9.38
CA PHE C 67 -53.21 -5.12 -10.60
C PHE C 67 -52.07 -5.99 -11.10
N VAL C 68 -51.72 -5.89 -12.39
CA VAL C 68 -50.53 -6.60 -12.95
C VAL C 68 -49.64 -5.52 -13.60
N ARG C 69 -48.44 -5.38 -13.06
CA ARG C 69 -47.41 -4.48 -13.63
C ARG C 69 -46.05 -4.88 -13.08
N HIS C 70 -44.96 -4.32 -13.62
CA HIS C 70 -43.66 -4.63 -13.02
C HIS C 70 -43.15 -3.64 -11.97
N ASN C 71 -43.44 -2.37 -12.14
CA ASN C 71 -42.86 -1.28 -11.27
C ASN C 71 -43.83 -1.06 -10.06
N PRO C 72 -43.29 -0.66 -8.90
CA PRO C 72 -44.22 -0.21 -7.84
C PRO C 72 -45.21 0.87 -8.21
N GLY C 73 -44.85 1.78 -9.09
CA GLY C 73 -45.77 2.80 -9.59
C GLY C 73 -45.59 4.17 -8.94
N THR C 74 -44.52 4.32 -8.15
CA THR C 74 -44.25 5.55 -7.37
C THR C 74 -43.74 6.76 -8.23
N GLN C 77 -45.18 4.46 -13.81
CA GLN C 77 -45.96 3.45 -14.59
C GLN C 77 -46.88 2.60 -13.64
N SER C 78 -47.91 3.22 -13.04
CA SER C 78 -48.77 2.61 -12.00
C SER C 78 -49.99 1.85 -12.54
N GLY C 79 -50.77 1.24 -11.65
CA GLY C 79 -51.96 0.53 -12.06
C GLY C 79 -51.61 -0.73 -12.81
N ASN C 80 -52.20 -0.89 -13.96
CA ASN C 80 -51.92 -2.01 -14.82
C ASN C 80 -51.01 -1.56 -15.98
N ASP C 81 -49.96 -2.38 -16.22
CA ASP C 81 -48.99 -2.15 -17.27
C ASP C 81 -48.57 -3.51 -17.77
N ASN C 82 -49.28 -4.01 -18.77
CA ASN C 82 -49.08 -5.42 -19.16
C ASN C 82 -49.73 -5.62 -20.55
N ASN C 83 -49.51 -6.81 -21.09
CA ASN C 83 -49.96 -7.18 -22.40
C ASN C 83 -51.21 -8.06 -22.38
N CYS C 84 -51.94 -8.04 -21.27
CA CYS C 84 -53.20 -8.76 -21.20
C CYS C 84 -54.34 -7.99 -21.86
N THR C 85 -55.41 -8.69 -22.14
CA THR C 85 -56.58 -8.12 -22.80
C THR C 85 -57.16 -6.90 -22.05
N GLY C 86 -57.43 -5.81 -22.78
CA GLY C 86 -57.84 -4.54 -22.12
C GLY C 86 -56.71 -3.51 -21.91
N ASP C 87 -55.51 -3.90 -22.35
CA ASP C 87 -54.28 -3.07 -22.39
C ASP C 87 -54.38 -1.56 -22.75
N GLY C 88 -55.49 -1.08 -23.31
CA GLY C 88 -55.70 0.36 -23.55
C GLY C 88 -56.64 1.18 -22.66
N THR C 89 -57.41 0.55 -21.75
CA THR C 89 -58.38 1.30 -20.91
C THR C 89 -58.01 1.25 -19.45
N GLY C 90 -56.82 0.68 -19.16
CA GLY C 90 -56.34 0.55 -17.78
C GLY C 90 -57.03 -0.54 -16.97
N LYS C 91 -57.94 -1.32 -17.58
CA LYS C 91 -58.78 -2.33 -16.91
C LYS C 91 -58.22 -3.79 -17.06
N ASN C 92 -57.07 -3.93 -17.73
CA ASN C 92 -56.32 -5.19 -17.87
C ASN C 92 -55.63 -5.55 -16.52
N ASP C 93 -56.44 -6.04 -15.60
CA ASP C 93 -56.01 -6.36 -14.24
C ASP C 93 -55.67 -7.85 -14.11
N LEU C 94 -55.46 -8.32 -12.90
CA LEU C 94 -55.12 -9.73 -12.76
C LEU C 94 -56.20 -10.64 -13.29
N GLU C 95 -57.47 -10.32 -13.00
CA GLU C 95 -58.56 -11.17 -13.51
C GLU C 95 -58.57 -11.25 -15.03
N ALA C 96 -58.27 -10.13 -15.71
CA ALA C 96 -58.17 -10.17 -17.17
C ALA C 96 -57.07 -11.07 -17.66
N CYS C 97 -55.91 -10.95 -17.03
CA CYS C 97 -54.79 -11.82 -17.41
C CYS C 97 -55.09 -13.32 -17.20
N LEU C 98 -55.73 -13.63 -16.06
CA LEU C 98 -56.18 -14.97 -15.81
C LEU C 98 -57.23 -15.43 -16.81
N ASN C 99 -58.17 -14.54 -17.18
CA ASN C 99 -59.15 -14.91 -18.15
C ASN C 99 -58.51 -15.18 -19.52
N ASP C 100 -57.41 -14.49 -19.83
CA ASP C 100 -56.73 -14.79 -21.09
C ASP C 100 -56.23 -16.21 -21.12
N VAL C 101 -55.75 -16.71 -19.98
CA VAL C 101 -55.29 -18.13 -19.93
C VAL C 101 -56.49 -19.08 -20.02
N LYS C 102 -57.53 -18.77 -19.25
CA LYS C 102 -58.75 -19.56 -19.30
C LYS C 102 -59.31 -19.68 -20.70
N ASN C 103 -59.42 -18.55 -21.39
CA ASN C 103 -59.95 -18.58 -22.74
C ASN C 103 -59.06 -19.38 -23.69
N TRP C 104 -57.74 -19.27 -23.59
CA TRP C 104 -56.82 -20.05 -24.43
C TRP C 104 -57.06 -21.53 -24.17
N SER C 105 -57.17 -21.87 -22.89
CA SER C 105 -57.42 -23.26 -22.49
C SER C 105 -58.70 -23.80 -23.10
N ASP C 106 -59.77 -22.99 -23.07
CA ASP C 106 -61.04 -23.43 -23.69
C ASP C 106 -60.91 -23.67 -25.18
N LYS C 107 -60.08 -22.86 -25.83
CA LYS C 107 -59.90 -22.99 -27.28
C LYS C 107 -58.92 -24.10 -27.65
N HIS C 108 -58.20 -24.68 -26.67
CA HIS C 108 -57.26 -25.75 -26.93
C HIS C 108 -57.51 -26.97 -26.04
N PRO C 109 -58.67 -27.65 -26.23
CA PRO C 109 -58.90 -28.86 -25.45
C PRO C 109 -57.76 -29.88 -25.65
N GLY C 110 -57.42 -30.56 -24.56
CA GLY C 110 -56.30 -31.52 -24.54
C GLY C 110 -54.90 -30.91 -24.44
N HIS C 111 -54.84 -29.65 -24.04
CA HIS C 111 -53.53 -28.99 -23.95
C HIS C 111 -52.71 -29.59 -22.83
N PHE C 112 -51.41 -29.52 -23.03
CA PHE C 112 -50.44 -29.81 -21.98
C PHE C 112 -50.78 -28.91 -20.78
N PRO C 113 -50.60 -29.42 -19.55
CA PRO C 113 -50.97 -28.55 -18.41
C PRO C 113 -50.21 -27.22 -18.38
N ILE C 114 -50.94 -26.16 -18.05
CA ILE C 114 -50.39 -24.81 -18.00
C ILE C 114 -50.02 -24.49 -16.57
N THR C 115 -48.78 -24.01 -16.36
CA THR C 115 -48.36 -23.61 -15.02
C THR C 115 -48.24 -22.08 -15.00
N LEU C 116 -48.98 -21.42 -14.09
N LEU C 116 -48.96 -21.43 -14.08
N LEU C 116 -48.84 -21.44 -14.00
CA LEU C 116 -48.90 -19.95 -13.93
CA LEU C 116 -48.90 -19.95 -13.93
CA LEU C 116 -48.92 -20.00 -13.97
C LEU C 116 -48.17 -19.62 -12.64
C LEU C 116 -48.18 -19.63 -12.64
C LEU C 116 -48.25 -19.54 -12.67
N ILE C 117 -47.07 -18.91 -12.78
CA ILE C 117 -46.32 -18.38 -11.63
C ILE C 117 -46.94 -17.00 -11.28
N LEU C 118 -47.53 -16.93 -10.09
CA LEU C 118 -48.17 -15.73 -9.58
C LEU C 118 -47.23 -15.12 -8.60
N ASP C 119 -46.49 -14.11 -9.05
CA ASP C 119 -45.39 -13.48 -8.31
C ASP C 119 -45.99 -12.29 -7.60
N LYS C 120 -46.25 -12.48 -6.31
CA LYS C 120 -46.92 -11.46 -5.50
C LYS C 120 -45.94 -10.42 -5.04
N LYS C 121 -46.32 -9.14 -5.20
CA LYS C 121 -45.40 -8.06 -4.95
C LYS C 121 -45.59 -7.23 -3.67
N GLN C 122 -46.77 -7.37 -3.04
CA GLN C 122 -47.11 -6.71 -1.75
C GLN C 122 -47.66 -7.75 -0.78
N GLY C 123 -48.04 -7.34 0.40
CA GLY C 123 -48.52 -8.24 1.40
C GLY C 123 -49.99 -8.54 1.25
N TRP C 124 -50.47 -9.42 2.11
CA TRP C 124 -51.90 -9.75 2.15
C TRP C 124 -52.65 -8.70 2.94
N SER C 125 -53.92 -8.48 2.55
CA SER C 125 -54.78 -7.62 3.38
C SER C 125 -55.43 -8.43 4.47
N LYS C 126 -56.06 -7.70 5.40
CA LYS C 126 -57.03 -8.26 6.33
C LYS C 126 -58.43 -8.36 5.70
N GLU C 127 -59.35 -9.03 6.40
CA GLU C 127 -60.67 -9.39 5.83
C GLU C 127 -61.40 -8.15 5.26
N SER C 128 -61.33 -7.05 6.02
CA SER C 128 -62.06 -5.82 5.68
C SER C 128 -61.75 -5.25 4.30
N SER C 129 -60.56 -5.51 3.77
CA SER C 129 -60.11 -4.94 2.49
C SER C 129 -60.24 -5.92 1.34
N GLY C 130 -60.65 -7.18 1.59
CA GLY C 130 -61.07 -8.05 0.48
C GLY C 130 -59.94 -8.61 -0.36
N ARG C 131 -58.73 -8.63 0.18
CA ARG C 131 -57.57 -9.19 -0.52
C ARG C 131 -56.76 -10.12 0.39
N THR C 132 -57.51 -10.98 1.05
CA THR C 132 -56.88 -12.05 1.91
C THR C 132 -56.49 -13.22 1.04
N PRO C 133 -55.78 -14.23 1.64
CA PRO C 133 -55.59 -15.49 0.96
C PRO C 133 -56.88 -16.11 0.46
N LYS C 134 -57.94 -16.07 1.26
CA LYS C 134 -59.24 -16.67 0.88
C LYS C 134 -59.83 -15.92 -0.30
N ASP C 135 -59.74 -14.58 -0.27
CA ASP C 135 -60.21 -13.79 -1.45
C ASP C 135 -59.46 -14.13 -2.73
N PHE C 136 -58.16 -14.37 -2.59
CA PHE C 136 -57.31 -14.74 -3.70
C PHE C 136 -57.75 -16.08 -4.26
N ASP C 137 -57.93 -17.09 -3.35
CA ASP C 137 -58.40 -18.39 -3.82
C ASP C 137 -59.75 -18.28 -4.48
N GLU C 138 -60.62 -17.43 -3.92
CA GLU C 138 -61.98 -17.29 -4.54
C GLU C 138 -61.92 -16.74 -5.95
N LEU C 139 -61.00 -15.77 -6.19
CA LEU C 139 -60.80 -15.25 -7.56
C LEU C 139 -60.32 -16.30 -8.52
N VAL C 140 -59.28 -17.05 -8.11
CA VAL C 140 -58.70 -17.95 -9.05
C VAL C 140 -59.63 -19.12 -9.33
N ALA C 141 -60.36 -19.56 -8.29
CA ALA C 141 -61.33 -20.62 -8.46
C ALA C 141 -62.51 -20.20 -9.36
N ARG C 142 -62.96 -18.96 -9.21
CA ARG C 142 -64.02 -18.40 -10.07
C ARG C 142 -63.62 -18.37 -11.53
N VAL C 143 -62.37 -17.98 -11.80
CA VAL C 143 -61.93 -17.91 -13.16
C VAL C 143 -61.74 -19.29 -13.78
N PHE C 144 -60.98 -20.16 -13.08
CA PHE C 144 -60.58 -21.44 -13.66
C PHE C 144 -61.46 -22.64 -13.37
N GLN C 145 -62.30 -22.55 -12.33
CA GLN C 145 -63.23 -23.60 -11.99
C GLN C 145 -62.54 -24.99 -11.97
N GLY C 146 -63.09 -25.95 -12.72
CA GLY C 146 -62.56 -27.29 -12.73
C GLY C 146 -61.28 -27.54 -13.44
N LYS C 147 -60.73 -26.52 -14.09
CA LYS C 147 -59.42 -26.64 -14.69
C LYS C 147 -58.30 -26.76 -13.67
N LEU C 148 -58.51 -26.32 -12.43
CA LEU C 148 -57.41 -26.31 -11.48
C LEU C 148 -56.99 -27.69 -11.04
N PHE C 149 -55.65 -27.86 -10.92
CA PHE C 149 -55.03 -28.98 -10.21
C PHE C 149 -54.34 -28.35 -9.02
N THR C 150 -54.75 -28.74 -7.82
CA THR C 150 -54.37 -28.07 -6.58
C THR C 150 -53.54 -28.97 -5.66
N PRO C 151 -52.98 -28.37 -4.58
CA PRO C 151 -52.22 -29.21 -3.64
C PRO C 151 -53.00 -30.43 -3.06
N GLN C 152 -54.29 -30.25 -2.77
CA GLN C 152 -55.10 -31.39 -2.27
C GLN C 152 -55.20 -32.47 -3.32
N ASP C 153 -55.34 -32.08 -4.58
CA ASP C 153 -55.38 -33.10 -5.65
C ASP C 153 -54.06 -33.93 -5.67
N LEU C 154 -52.92 -33.24 -5.56
CA LEU C 154 -51.64 -33.92 -5.48
C LEU C 154 -51.54 -34.79 -4.27
N ALA C 155 -51.97 -34.28 -3.13
CA ALA C 155 -51.92 -35.03 -1.91
C ALA C 155 -52.73 -36.32 -1.98
N THR C 156 -53.96 -36.22 -2.46
CA THR C 156 -54.79 -37.41 -2.68
C THR C 156 -54.13 -38.40 -3.64
N HIS C 157 -53.51 -37.89 -4.68
CA HIS C 157 -52.87 -38.76 -5.66
C HIS C 157 -51.77 -39.64 -5.01
N ILE C 158 -51.02 -39.10 -4.04
CA ILE C 158 -49.93 -39.80 -3.37
C ILE C 158 -50.31 -40.46 -1.99
N GLY C 159 -51.56 -40.28 -1.58
CA GLY C 159 -52.01 -40.82 -0.27
C GLY C 159 -51.47 -40.11 0.96
N SER C 160 -51.36 -38.78 0.85
CA SER C 160 -50.80 -37.95 1.90
C SER C 160 -51.82 -36.90 2.32
N GLY C 161 -51.73 -36.41 3.56
CA GLY C 161 -52.31 -35.15 3.86
C GLY C 161 -51.58 -34.04 3.09
N ALA C 162 -52.31 -32.99 2.70
CA ALA C 162 -51.71 -31.85 2.01
C ALA C 162 -50.56 -31.25 2.83
N GLY C 163 -50.72 -31.22 4.14
CA GLY C 163 -49.71 -30.63 5.00
C GLY C 163 -48.48 -31.50 5.26
N ALA C 164 -48.44 -32.69 4.63
CA ALA C 164 -47.29 -33.60 4.64
C ALA C 164 -46.73 -33.82 3.24
N LEU C 165 -47.14 -32.98 2.27
CA LEU C 165 -46.54 -33.10 0.94
C LEU C 165 -45.02 -32.99 0.94
N GLN C 166 -44.54 -32.09 1.76
CA GLN C 166 -43.11 -31.75 1.76
C GLN C 166 -42.23 -32.99 1.70
N GLY C 167 -42.41 -33.83 2.72
CA GLY C 167 -41.63 -35.05 2.80
C GLY C 167 -42.26 -36.28 2.13
N ASN C 168 -43.58 -36.34 2.05
CA ASN C 168 -44.19 -37.54 1.47
C ASN C 168 -44.04 -37.60 -0.04
N LEU C 169 -43.75 -36.47 -0.70
CA LEU C 169 -43.48 -36.53 -2.12
C LEU C 169 -42.18 -37.24 -2.48
N LYS C 170 -41.25 -37.38 -1.56
CA LYS C 170 -39.99 -38.00 -1.91
C LYS C 170 -40.25 -39.44 -2.36
N GLY C 171 -39.75 -39.77 -3.53
CA GLY C 171 -39.91 -41.11 -4.08
C GLY C 171 -41.22 -41.33 -4.84
N LYS C 172 -42.02 -40.28 -4.95
CA LYS C 172 -43.35 -40.38 -5.57
C LYS C 172 -43.44 -39.64 -6.92
N SER C 173 -44.36 -40.11 -7.76
CA SER C 173 -44.63 -39.50 -9.03
C SER C 173 -45.85 -38.59 -8.93
N TRP C 174 -45.74 -37.40 -9.52
CA TRP C 174 -46.93 -36.63 -9.82
C TRP C 174 -47.74 -37.34 -10.93
N PRO C 175 -49.01 -36.94 -11.13
CA PRO C 175 -49.73 -37.35 -12.35
C PRO C 175 -48.93 -37.02 -13.60
N THR C 176 -49.14 -37.84 -14.62
CA THR C 176 -48.51 -37.59 -15.90
C THR C 176 -49.10 -36.36 -16.59
N ALA C 177 -48.37 -35.88 -17.60
CA ALA C 177 -48.92 -34.78 -18.43
C ALA C 177 -50.24 -35.18 -19.11
N ASN C 178 -50.37 -36.45 -19.56
CA ASN C 178 -51.65 -36.94 -20.04
C ASN C 178 -52.75 -36.84 -19.00
N ASP C 179 -52.45 -37.26 -17.77
CA ASP C 179 -53.42 -37.19 -16.70
C ASP C 179 -53.89 -35.76 -16.46
N LEU C 180 -52.97 -34.80 -16.68
CA LEU C 180 -53.21 -33.41 -16.39
C LEU C 180 -53.60 -32.61 -17.64
N GLN C 181 -54.05 -33.30 -18.71
CA GLN C 181 -54.45 -32.59 -19.93
C GLN C 181 -55.55 -31.62 -19.56
N GLY C 182 -55.46 -30.41 -20.14
CA GLY C 182 -56.45 -29.39 -19.88
C GLY C 182 -56.43 -28.73 -18.51
N LYS C 183 -55.42 -29.01 -17.69
N LYS C 183 -55.43 -29.02 -17.68
CA LYS C 183 -55.36 -28.46 -16.34
CA LYS C 183 -55.38 -28.47 -16.34
C LYS C 183 -54.50 -27.21 -16.29
C LYS C 183 -54.50 -27.23 -16.28
N VAL C 184 -54.72 -26.47 -15.22
CA VAL C 184 -53.95 -25.26 -14.87
C VAL C 184 -53.44 -25.45 -13.44
N LEU C 185 -52.14 -25.23 -13.26
CA LEU C 185 -51.52 -25.26 -11.94
C LEU C 185 -51.08 -23.86 -11.60
N LEU C 186 -51.47 -23.37 -10.44
CA LEU C 186 -51.11 -22.06 -9.96
C LEU C 186 -50.03 -22.15 -8.89
N VAL C 187 -49.09 -21.22 -8.98
CA VAL C 187 -47.91 -21.23 -8.10
C VAL C 187 -47.70 -19.86 -7.51
N LEU C 188 -47.52 -19.81 -6.19
CA LEU C 188 -47.28 -18.53 -5.49
C LEU C 188 -45.79 -18.32 -5.26
N ASN C 189 -45.30 -17.14 -5.65
CA ASN C 189 -43.96 -16.67 -5.32
C ASN C 189 -44.10 -15.32 -4.62
N HIS C 190 -43.07 -14.96 -3.87
CA HIS C 190 -42.87 -13.64 -3.27
C HIS C 190 -41.39 -13.57 -2.89
N SER C 191 -40.83 -12.37 -2.84
CA SER C 191 -39.45 -12.24 -2.34
C SER C 191 -39.27 -12.67 -0.89
N GLU C 192 -40.37 -12.66 -0.10
CA GLU C 192 -40.32 -13.02 1.32
C GLU C 192 -41.14 -14.27 1.57
N ASN C 193 -40.47 -15.33 2.03
CA ASN C 193 -41.19 -16.59 2.33
C ASN C 193 -42.31 -16.42 3.35
N GLN C 194 -42.21 -15.40 4.19
CA GLN C 194 -43.25 -15.08 5.15
C GLN C 194 -44.62 -14.96 4.52
N LYS C 195 -44.69 -14.36 3.32
CA LYS C 195 -45.98 -14.19 2.70
C LYS C 195 -46.56 -15.54 2.22
N LEU C 196 -45.69 -16.45 1.81
CA LEU C 196 -46.16 -17.82 1.47
C LEU C 196 -46.62 -18.61 2.73
N SER C 197 -45.94 -18.36 3.85
CA SER C 197 -46.29 -18.97 5.07
C SER C 197 -47.67 -18.47 5.54
N GLN C 198 -47.91 -17.17 5.37
CA GLN C 198 -49.22 -16.62 5.71
C GLN C 198 -50.30 -17.24 4.86
N TYR C 199 -50.04 -17.40 3.57
CA TYR C 199 -51.03 -18.01 2.68
C TYR C 199 -51.37 -19.43 3.14
N ALA C 200 -50.32 -20.25 3.36
CA ALA C 200 -50.51 -21.66 3.74
C ALA C 200 -51.19 -21.80 5.09
N GLU C 201 -50.82 -20.98 6.06
CA GLU C 201 -51.50 -21.03 7.36
C GLU C 201 -52.99 -20.70 7.22
N ALA C 202 -53.32 -19.75 6.34
CA ALA C 202 -54.72 -19.38 6.17
C ALA C 202 -55.52 -20.44 5.45
N ARG C 203 -54.98 -21.00 4.40
CA ARG C 203 -55.79 -21.86 3.54
C ARG C 203 -55.62 -23.38 3.80
N THR C 204 -54.50 -23.78 4.40
CA THR C 204 -54.13 -25.14 4.66
C THR C 204 -54.51 -26.06 3.50
N SER C 205 -55.24 -27.17 3.77
CA SER C 205 -55.49 -28.14 2.70
C SER C 205 -56.50 -27.65 1.64
N LYS C 206 -57.19 -26.55 1.91
CA LYS C 206 -58.09 -25.94 0.89
C LYS C 206 -57.41 -25.07 -0.15
N ALA C 207 -56.11 -24.85 -0.03
CA ALA C 207 -55.40 -23.93 -0.93
C ALA C 207 -55.64 -24.27 -2.40
N LYS C 208 -55.92 -23.25 -3.20
CA LYS C 208 -55.99 -23.43 -4.64
C LYS C 208 -54.63 -23.29 -5.31
N VAL C 209 -53.63 -22.78 -4.60
CA VAL C 209 -52.35 -22.45 -5.17
C VAL C 209 -51.20 -23.18 -4.44
N PHE C 210 -50.22 -23.66 -5.21
CA PHE C 210 -49.00 -24.27 -4.66
C PHE C 210 -48.07 -23.17 -4.20
N ILE C 211 -47.59 -23.24 -2.96
CA ILE C 211 -46.52 -22.32 -2.52
C ILE C 211 -45.14 -22.80 -3.01
N SER C 212 -44.30 -21.88 -3.43
CA SER C 212 -42.97 -22.29 -3.92
C SER C 212 -41.96 -21.29 -3.31
N PRO C 213 -41.36 -21.64 -2.18
CA PRO C 213 -40.54 -20.66 -1.48
C PRO C 213 -39.17 -20.47 -2.13
N VAL C 214 -38.63 -19.29 -1.85
CA VAL C 214 -37.23 -18.99 -2.12
C VAL C 214 -36.39 -20.04 -1.46
N THR C 215 -35.51 -20.64 -2.25
CA THR C 215 -34.77 -21.80 -1.83
C THR C 215 -33.25 -21.62 -2.00
N ASN C 216 -32.50 -21.73 -0.91
CA ASN C 216 -31.01 -21.60 -0.97
C ASN C 216 -30.33 -22.52 0.00
N GLY C 217 -31.02 -23.58 0.39
CA GLY C 217 -30.43 -24.58 1.23
C GLY C 217 -31.38 -25.76 1.35
N GLN C 218 -30.88 -26.88 1.85
CA GLN C 218 -31.66 -28.12 1.90
C GLN C 218 -32.92 -27.93 2.75
N ASN C 219 -32.80 -27.18 3.84
CA ASN C 219 -33.93 -26.98 4.72
C ASN C 219 -35.11 -26.28 4.03
N ASP C 220 -34.87 -25.51 2.96
CA ASP C 220 -35.93 -24.91 2.22
C ASP C 220 -36.76 -25.88 1.38
N ILE C 221 -36.18 -27.05 1.14
CA ILE C 221 -36.82 -28.15 0.44
C ILE C 221 -37.53 -29.03 1.45
N SER C 222 -36.80 -29.51 2.44
CA SER C 222 -37.22 -30.64 3.28
C SER C 222 -37.25 -30.41 4.76
N GLY C 223 -36.89 -29.19 5.18
CA GLY C 223 -36.78 -28.89 6.57
C GLY C 223 -37.73 -27.77 6.98
N LYS C 224 -37.38 -27.06 8.06
CA LYS C 224 -38.13 -25.85 8.42
C LYS C 224 -37.64 -24.76 7.47
N VAL C 225 -38.52 -24.36 6.54
CA VAL C 225 -38.14 -23.48 5.47
C VAL C 225 -37.84 -22.11 6.07
N SER C 226 -36.84 -21.46 5.52
CA SER C 226 -36.44 -20.11 5.95
C SER C 226 -37.64 -19.18 5.86
N GLY C 227 -37.96 -18.44 6.94
CA GLY C 227 -39.07 -17.51 6.94
C GLY C 227 -40.46 -18.07 7.05
N MET C 228 -40.57 -19.38 7.28
CA MET C 228 -41.85 -20.07 7.38
C MET C 228 -41.99 -20.85 8.66
N SER C 229 -43.23 -21.12 9.01
CA SER C 229 -43.54 -21.97 10.14
C SER C 229 -43.37 -23.45 9.74
N SER C 230 -43.34 -24.33 10.73
CA SER C 230 -43.36 -25.79 10.48
C SER C 230 -44.60 -26.18 9.68
N GLN C 231 -45.79 -25.70 10.09
CA GLN C 231 -47.02 -26.02 9.35
C GLN C 231 -46.84 -25.69 7.89
N SER C 232 -46.44 -24.44 7.57
CA SER C 232 -46.39 -24.04 6.20
C SER C 232 -45.34 -24.84 5.40
N SER C 233 -44.21 -25.13 6.05
CA SER C 233 -43.17 -25.94 5.40
C SER C 233 -43.71 -27.26 4.91
N GLY C 234 -44.61 -27.86 5.66
CA GLY C 234 -45.17 -29.18 5.28
C GLY C 234 -45.97 -29.16 3.98
N TYR C 235 -46.46 -27.98 3.55
CA TYR C 235 -47.22 -27.84 2.27
C TYR C 235 -46.31 -27.70 1.07
N VAL C 236 -44.98 -27.60 1.25
CA VAL C 236 -44.11 -27.29 0.11
C VAL C 236 -43.97 -28.48 -0.86
N ALA C 237 -44.41 -28.24 -2.10
CA ALA C 237 -44.31 -29.19 -3.20
C ALA C 237 -43.59 -28.61 -4.38
N MET C 238 -43.06 -27.39 -4.22
CA MET C 238 -42.39 -26.66 -5.30
C MET C 238 -41.34 -25.77 -4.67
N ASN C 239 -40.28 -25.47 -5.43
CA ASN C 239 -39.20 -24.64 -4.91
C ASN C 239 -38.71 -23.68 -6.00
N ASN C 240 -38.45 -22.44 -5.60
CA ASN C 240 -38.08 -21.36 -6.50
C ASN C 240 -36.66 -20.89 -6.24
N MET C 241 -35.81 -20.88 -7.29
N MET C 241 -35.81 -20.89 -7.28
CA MET C 241 -34.39 -20.56 -7.11
CA MET C 241 -34.37 -20.63 -7.13
C MET C 241 -33.95 -19.53 -8.08
C MET C 241 -33.93 -19.55 -8.08
N GLY C 242 -33.22 -18.56 -7.56
CA GLY C 242 -32.50 -17.61 -8.42
C GLY C 242 -31.25 -18.32 -8.99
N LYS C 243 -30.56 -17.58 -9.87
CA LYS C 243 -29.41 -18.11 -10.59
C LYS C 243 -28.37 -18.72 -9.67
N GLY C 244 -28.06 -18.00 -8.62
CA GLY C 244 -27.02 -18.41 -7.71
C GLY C 244 -27.33 -19.65 -6.86
N ASP C 245 -28.61 -20.02 -6.84
CA ASP C 245 -29.09 -21.11 -6.01
C ASP C 245 -29.56 -22.32 -6.79
N LYS C 246 -29.29 -22.32 -8.09
CA LYS C 246 -29.84 -23.38 -8.99
C LYS C 246 -29.35 -24.78 -8.66
N SER C 247 -28.23 -24.88 -7.96
CA SER C 247 -27.71 -26.17 -7.57
C SER C 247 -28.73 -26.99 -6.72
N TRP C 248 -29.66 -26.29 -6.04
CA TRP C 248 -30.69 -26.93 -5.25
C TRP C 248 -31.75 -27.63 -6.06
N ALA C 249 -31.80 -27.40 -7.35
CA ALA C 249 -32.85 -28.00 -8.15
C ALA C 249 -32.70 -29.52 -8.18
N LYS C 250 -31.47 -30.03 -8.11
CA LYS C 250 -31.26 -31.47 -8.07
C LYS C 250 -31.91 -32.10 -6.84
N GLN C 251 -31.94 -31.39 -5.72
CA GLN C 251 -32.62 -31.85 -4.54
C GLN C 251 -34.13 -31.62 -4.58
N ALA C 252 -34.58 -30.53 -5.22
CA ALA C 252 -36.02 -30.42 -5.52
C ALA C 252 -36.48 -31.66 -6.32
N PHE C 253 -35.69 -32.01 -7.35
CA PHE C 253 -35.97 -33.17 -8.18
C PHE C 253 -35.98 -34.47 -7.35
N ALA C 254 -35.03 -34.61 -6.43
CA ALA C 254 -34.98 -35.80 -5.58
C ALA C 254 -36.18 -35.93 -4.69
N TYR C 255 -36.72 -34.77 -4.31
CA TYR C 255 -37.90 -34.72 -3.45
C TYR C 255 -39.24 -34.71 -4.19
N SER C 256 -39.20 -34.80 -5.53
CA SER C 256 -40.38 -34.67 -6.37
C SER C 256 -41.10 -33.35 -6.09
N HIS C 257 -40.33 -32.30 -5.80
CA HIS C 257 -40.88 -30.93 -5.81
C HIS C 257 -40.58 -30.32 -7.20
N ILE C 258 -41.48 -29.50 -7.71
CA ILE C 258 -41.24 -28.87 -9.00
C ILE C 258 -40.33 -27.69 -8.78
N GLY C 259 -39.12 -27.80 -9.33
CA GLY C 259 -38.12 -26.72 -9.18
C GLY C 259 -38.15 -25.75 -10.36
N ARG C 260 -38.07 -24.46 -10.04
CA ARG C 260 -37.96 -23.41 -11.03
C ARG C 260 -36.72 -22.59 -10.79
N VAL C 261 -36.00 -22.26 -11.88
CA VAL C 261 -34.85 -21.41 -11.80
C VAL C 261 -35.08 -20.18 -12.71
N TRP C 262 -34.89 -19.01 -12.15
CA TRP C 262 -35.03 -17.75 -12.87
C TRP C 262 -33.72 -16.96 -12.83
N GLY C 263 -33.55 -16.05 -13.79
CA GLY C 263 -32.33 -15.22 -13.84
C GLY C 263 -31.14 -15.82 -14.56
N ASP C 264 -31.28 -17.06 -15.08
CA ASP C 264 -30.14 -17.76 -15.63
C ASP C 264 -30.19 -17.84 -17.15
N ASP C 265 -30.43 -16.68 -17.77
CA ASP C 265 -30.74 -16.61 -19.20
C ASP C 265 -29.64 -16.95 -20.16
N GLU C 266 -28.39 -16.85 -19.71
CA GLU C 266 -27.27 -17.15 -20.56
C GLU C 266 -26.91 -18.64 -20.62
N VAL C 267 -27.65 -19.47 -19.89
CA VAL C 267 -27.43 -20.92 -19.86
C VAL C 267 -28.50 -21.60 -20.65
N SER C 268 -28.09 -22.54 -21.50
CA SER C 268 -29.03 -23.18 -22.43
C SER C 268 -30.02 -24.09 -21.71
N PHE C 269 -31.12 -24.36 -22.40
CA PHE C 269 -32.08 -25.34 -21.91
C PHE C 269 -31.42 -26.70 -21.74
N ALA C 270 -30.53 -27.08 -22.65
CA ALA C 270 -29.86 -28.39 -22.51
C ALA C 270 -29.11 -28.50 -21.17
N GLN C 271 -28.43 -27.44 -20.78
CA GLN C 271 -27.65 -27.48 -19.55
C GLN C 271 -28.61 -27.49 -18.34
N HIS C 272 -29.69 -26.69 -18.38
CA HIS C 272 -30.67 -26.73 -17.31
C HIS C 272 -31.34 -28.12 -17.16
N ILE C 273 -31.56 -28.82 -18.26
CA ILE C 273 -32.08 -30.19 -18.19
C ILE C 273 -31.08 -31.09 -17.44
N ASN C 274 -29.80 -30.97 -17.78
CA ASN C 274 -28.75 -31.75 -17.14
C ASN C 274 -28.69 -31.49 -15.63
N GLN C 275 -29.11 -30.30 -15.22
CA GLN C 275 -29.09 -29.80 -13.86
C GLN C 275 -30.44 -30.09 -13.13
N LYS C 276 -31.30 -30.87 -13.77
CA LYS C 276 -32.54 -31.35 -13.17
C LYS C 276 -33.54 -30.27 -12.75
N ILE C 277 -33.61 -29.23 -13.58
CA ILE C 277 -34.52 -28.11 -13.33
C ILE C 277 -35.80 -28.32 -14.10
N ASN C 278 -36.93 -28.34 -13.38
CA ASN C 278 -38.22 -28.52 -14.05
C ASN C 278 -38.62 -27.32 -14.90
N LEU C 279 -38.47 -26.11 -14.36
CA LEU C 279 -38.98 -24.92 -15.08
C LEU C 279 -37.85 -23.94 -15.15
N SER C 280 -37.35 -23.69 -16.36
CA SER C 280 -36.25 -22.78 -16.60
C SER C 280 -36.85 -21.49 -17.17
N ALA C 281 -36.83 -20.41 -16.39
CA ALA C 281 -37.50 -19.18 -16.79
C ALA C 281 -36.55 -18.28 -17.61
N TYR C 282 -36.98 -17.86 -18.80
CA TYR C 282 -36.20 -16.99 -19.69
C TYR C 282 -37.05 -15.81 -20.13
N TYR C 283 -36.45 -14.62 -20.14
CA TYR C 283 -37.11 -13.49 -20.79
C TYR C 283 -37.37 -13.78 -22.26
N ARG C 284 -36.33 -14.26 -22.96
CA ARG C 284 -36.45 -14.66 -24.38
C ARG C 284 -36.73 -16.17 -24.52
N PHE C 285 -37.96 -16.54 -24.19
CA PHE C 285 -38.32 -17.98 -24.08
C PHE C 285 -38.37 -18.67 -25.45
N ALA C 286 -38.79 -17.93 -26.49
CA ALA C 286 -38.97 -18.62 -27.76
C ALA C 286 -37.61 -19.03 -28.36
N ALA C 287 -36.55 -18.29 -28.00
CA ALA C 287 -35.21 -18.58 -28.50
C ALA C 287 -34.58 -19.83 -27.92
N GLN C 288 -35.21 -20.39 -26.89
CA GLN C 288 -34.65 -21.55 -26.20
C GLN C 288 -35.29 -22.83 -26.70
N SER C 289 -34.47 -23.88 -26.78
CA SER C 289 -34.95 -25.20 -27.15
C SER C 289 -33.82 -26.20 -27.03
N ALA C 290 -34.19 -27.48 -26.92
CA ALA C 290 -33.26 -28.57 -26.97
C ALA C 290 -33.79 -29.59 -27.95
N GLY C 291 -33.12 -29.82 -29.05
CA GLY C 291 -33.70 -30.67 -30.07
C GLY C 291 -34.98 -30.21 -30.71
N GLY C 292 -35.22 -28.89 -30.77
CA GLY C 292 -36.50 -28.33 -31.22
C GLY C 292 -37.58 -28.36 -30.18
N TYR C 293 -37.25 -28.94 -28.99
CA TYR C 293 -38.24 -29.06 -27.95
C TYR C 293 -38.04 -28.04 -26.82
N ARG C 294 -39.18 -27.53 -26.35
CA ARG C 294 -39.25 -26.68 -25.17
C ARG C 294 -39.86 -27.38 -23.96
N ILE C 295 -40.41 -28.59 -24.16
CA ILE C 295 -40.97 -29.39 -23.10
C ILE C 295 -40.61 -30.84 -23.43
N ARG C 296 -39.89 -31.50 -22.51
CA ARG C 296 -39.47 -32.92 -22.73
C ARG C 296 -39.12 -33.54 -21.40
N PRO C 297 -39.13 -34.88 -21.34
CA PRO C 297 -38.56 -35.54 -20.18
C PRO C 297 -37.07 -35.24 -19.96
N PHE C 298 -36.63 -35.24 -18.71
CA PHE C 298 -35.20 -35.15 -18.42
C PHE C 298 -34.30 -36.16 -19.15
N GLN D 2 64.88 2.90 -30.55
CA GLN D 2 63.39 2.89 -30.43
C GLN D 2 62.82 1.46 -30.42
N GLU D 3 62.09 1.10 -29.36
CA GLU D 3 61.54 -0.27 -29.28
C GLU D 3 60.45 -0.54 -30.31
N SER D 4 60.17 -1.83 -30.55
CA SER D 4 59.18 -2.18 -31.55
C SER D 4 58.42 -3.47 -31.24
N PRO D 5 57.88 -3.60 -30.00
CA PRO D 5 57.00 -4.76 -29.77
C PRO D 5 55.77 -4.62 -30.67
N ALA D 6 55.19 -5.74 -31.03
CA ALA D 6 54.10 -5.76 -32.01
C ALA D 6 52.86 -4.98 -31.63
N PHE D 7 52.63 -4.84 -30.34
CA PHE D 7 51.44 -4.13 -29.88
C PHE D 7 51.47 -2.61 -30.07
N ILE D 8 52.60 -2.01 -30.42
CA ILE D 8 52.68 -0.57 -30.61
C ILE D 8 52.55 -0.23 -32.09
N ASP D 9 51.48 0.48 -32.46
CA ASP D 9 51.34 1.00 -33.83
C ASP D 9 52.54 1.93 -34.11
N PRO D 10 53.31 1.67 -35.18
CA PRO D 10 54.48 2.53 -35.42
C PRO D 10 54.20 4.02 -35.71
N ALA D 11 52.97 4.33 -36.10
CA ALA D 11 52.57 5.71 -36.30
C ALA D 11 52.50 6.48 -34.95
N SER D 12 52.49 5.75 -33.82
CA SER D 12 52.46 6.38 -32.50
C SER D 12 53.69 7.22 -32.20
N TRP D 13 54.83 6.87 -32.76
CA TRP D 13 56.11 7.46 -32.28
C TRP D 13 56.24 8.97 -32.49
N ASN D 14 55.73 9.45 -33.64
CA ASN D 14 55.78 10.88 -33.95
C ASN D 14 54.48 11.66 -33.57
N THR D 15 53.67 11.01 -32.72
CA THR D 15 52.40 11.56 -32.24
C THR D 15 52.67 12.14 -30.85
N PRO D 16 52.17 13.35 -30.61
CA PRO D 16 52.21 13.89 -29.24
C PRO D 16 51.53 12.90 -28.30
N PHE D 17 52.03 12.80 -27.07
CA PHE D 17 51.53 11.80 -26.14
C PHE D 17 50.02 11.92 -25.90
N ASN D 18 49.52 13.16 -25.87
CA ASN D 18 48.09 13.39 -25.68
C ASN D 18 47.21 12.97 -26.87
N GLY D 19 47.83 12.69 -28.00
CA GLY D 19 47.14 12.18 -29.19
C GLY D 19 47.21 10.67 -29.33
N ILE D 20 47.69 9.96 -28.30
CA ILE D 20 47.81 8.50 -28.34
C ILE D 20 46.83 7.82 -27.39
N ALA D 21 46.20 6.76 -27.89
CA ALA D 21 45.29 5.90 -27.12
C ALA D 21 46.02 4.62 -26.74
N GLN D 22 45.82 4.18 -25.51
CA GLN D 22 46.43 3.00 -24.96
C GLN D 22 45.45 2.16 -24.22
N VAL D 23 45.70 0.88 -24.28
CA VAL D 23 45.16 -0.10 -23.31
C VAL D 23 46.06 -0.02 -22.07
N ALA D 24 45.41 0.21 -20.92
CA ALA D 24 46.04 0.25 -19.60
C ALA D 24 45.58 -0.92 -18.75
N CYS D 25 46.35 -1.28 -17.75
CA CYS D 25 45.86 -2.29 -16.81
C CYS D 25 44.93 -1.64 -15.78
N HIS D 26 44.15 -2.47 -15.11
CA HIS D 26 43.40 -2.08 -13.93
C HIS D 26 43.79 -3.03 -12.82
N ASN D 27 44.50 -2.51 -11.81
CA ASN D 27 44.87 -3.22 -10.63
C ASN D 27 45.75 -4.44 -10.96
N CYS D 28 46.67 -4.28 -11.90
CA CYS D 28 47.49 -5.42 -12.35
C CYS D 28 48.58 -5.88 -11.38
N TYR D 29 48.72 -5.18 -10.24
CA TYR D 29 49.53 -5.69 -9.12
C TYR D 29 48.90 -6.88 -8.45
N GLU D 30 47.64 -7.15 -8.70
CA GLU D 30 46.99 -8.29 -8.02
C GLU D 30 47.37 -9.59 -8.75
N LYS D 31 47.65 -10.63 -7.99
CA LYS D 31 48.04 -11.93 -8.53
C LYS D 31 46.99 -12.53 -9.47
N GLN D 32 45.72 -12.20 -9.28
CA GLN D 32 44.67 -12.71 -10.15
C GLN D 32 44.74 -12.19 -11.57
N TYR D 33 45.44 -11.06 -11.75
CA TYR D 33 45.51 -10.45 -13.07
C TYR D 33 46.82 -10.60 -13.79
N ALA D 34 47.88 -10.96 -13.07
CA ALA D 34 49.21 -11.19 -13.66
C ALA D 34 50.08 -11.97 -12.72
N ASN D 35 50.96 -12.79 -13.29
CA ASN D 35 51.82 -13.66 -12.47
C ASN D 35 52.86 -12.85 -11.75
N THR D 36 53.38 -11.83 -12.45
CA THR D 36 54.35 -10.89 -11.91
C THR D 36 54.01 -9.49 -12.41
N PHE D 37 54.29 -8.46 -11.60
CA PHE D 37 54.06 -7.09 -12.06
C PHE D 37 54.87 -6.78 -13.32
N SER D 38 56.14 -7.18 -13.36
N SER D 38 56.14 -7.20 -13.34
CA SER D 38 56.95 -6.89 -14.52
CA SER D 38 56.99 -6.94 -14.48
C SER D 38 56.38 -7.49 -15.80
C SER D 38 56.43 -7.52 -15.79
N SER D 39 55.75 -8.65 -15.72
CA SER D 39 55.19 -9.30 -16.93
C SER D 39 54.12 -8.48 -17.61
N VAL D 40 53.48 -7.57 -16.86
CA VAL D 40 52.47 -6.71 -17.47
C VAL D 40 53.04 -5.89 -18.64
N LEU D 41 54.33 -5.53 -18.52
CA LEU D 41 55.01 -4.74 -19.54
C LEU D 41 55.32 -5.54 -20.82
N ASP D 42 55.01 -6.84 -20.80
CA ASP D 42 54.98 -7.57 -22.05
C ASP D 42 53.79 -7.19 -22.96
N SER D 43 52.79 -6.54 -22.40
CA SER D 43 51.53 -6.29 -23.09
C SER D 43 51.13 -4.82 -23.22
N VAL D 44 51.45 -3.99 -22.21
CA VAL D 44 50.98 -2.59 -22.14
C VAL D 44 52.08 -1.72 -21.57
N ARG D 45 51.87 -0.42 -21.63
CA ARG D 45 52.82 0.58 -21.10
C ARG D 45 52.24 1.42 -19.98
N THR D 46 51.05 1.08 -19.54
CA THR D 46 50.35 1.81 -18.48
C THR D 46 49.86 0.85 -17.43
N LEU D 47 50.36 1.05 -16.20
CA LEU D 47 50.17 0.11 -15.07
C LEU D 47 49.51 0.84 -13.91
N GLU D 48 49.24 0.14 -12.82
CA GLU D 48 48.58 0.65 -11.64
C GLU D 48 49.04 -0.07 -10.38
N LEU D 49 49.21 0.72 -9.33
CA LEU D 49 49.53 0.26 -7.96
C LEU D 49 48.63 0.89 -6.95
N ASP D 50 48.05 0.09 -6.05
CA ASP D 50 47.24 0.65 -4.96
C ASP D 50 48.08 0.65 -3.71
N PHE D 51 48.20 1.78 -3.01
CA PHE D 51 49.14 1.88 -1.92
C PHE D 51 48.54 2.46 -0.65
N TRP D 52 48.96 1.85 0.45
CA TRP D 52 48.38 2.02 1.77
C TRP D 52 49.46 2.48 2.75
N ASP D 53 49.08 3.39 3.64
CA ASP D 53 49.96 3.80 4.74
C ASP D 53 50.12 2.78 5.88
N GLN D 54 49.00 2.15 6.24
CA GLN D 54 48.95 1.27 7.40
C GLN D 54 48.96 -0.20 6.97
N ARG D 55 49.31 -1.09 7.89
CA ARG D 55 49.39 -2.56 7.61
C ARG D 55 48.03 -3.13 7.47
N ASP D 56 47.11 -2.62 8.28
CA ASP D 56 45.67 -2.84 8.04
C ASP D 56 45.08 -1.47 7.79
N ALA D 57 43.80 -1.25 8.12
CA ALA D 57 43.17 0.08 7.97
C ALA D 57 43.68 1.11 9.00
N VAL D 58 44.33 0.65 10.06
CA VAL D 58 44.54 1.45 11.31
C VAL D 58 45.94 1.63 11.85
N SER D 59 46.78 0.62 11.81
CA SER D 59 48.08 0.70 12.52
C SER D 59 49.13 -0.01 11.67
N GLY D 60 50.41 0.11 12.07
CA GLY D 60 51.43 -0.62 11.39
C GLY D 60 52.26 0.10 10.41
N GLY D 61 51.94 1.34 10.09
CA GLY D 61 52.78 2.04 9.11
C GLY D 61 54.16 2.33 9.67
N SER D 62 55.06 2.64 8.77
CA SER D 62 56.41 3.08 9.13
C SER D 62 56.85 4.23 8.23
N PRO D 63 57.89 4.99 8.64
CA PRO D 63 58.28 6.13 7.80
C PRO D 63 58.87 5.72 6.46
N HIS D 64 58.56 6.52 5.44
CA HIS D 64 59.22 6.41 4.11
C HIS D 64 58.93 5.04 3.46
N HIS D 65 57.74 4.51 3.78
CA HIS D 65 57.30 3.21 3.36
C HIS D 65 55.80 3.24 3.13
N TRP D 66 55.35 2.52 2.11
CA TRP D 66 53.91 2.23 1.91
C TRP D 66 53.79 0.76 1.49
N PHE D 67 52.63 0.19 1.79
CA PHE D 67 52.26 -1.17 1.44
C PHE D 67 51.52 -1.15 0.08
N VAL D 68 51.58 -2.25 -0.66
CA VAL D 68 50.78 -2.47 -1.86
C VAL D 68 49.85 -3.64 -1.67
N ARG D 69 48.54 -3.39 -1.73
CA ARG D 69 47.49 -4.42 -1.62
C ARG D 69 46.15 -3.81 -2.08
N HIS D 70 45.13 -4.61 -2.32
CA HIS D 70 43.83 -4.04 -2.75
C HIS D 70 42.96 -3.63 -1.55
N ASN D 71 42.90 -4.47 -0.56
CA ASN D 71 41.85 -4.31 0.47
C ASN D 71 42.42 -3.67 1.71
N PRO D 72 41.55 -3.07 2.53
CA PRO D 72 42.11 -2.42 3.76
C PRO D 72 42.84 -3.38 4.64
N GLY D 73 42.36 -4.63 4.71
CA GLY D 73 43.05 -5.70 5.40
C GLY D 73 43.55 -6.75 4.44
N THR D 74 44.57 -7.47 4.91
CA THR D 74 45.01 -8.69 4.23
C THR D 74 45.43 -9.77 5.25
N LEU D 75 45.26 -11.03 4.85
CA LEU D 75 45.81 -12.17 5.61
C LEU D 75 47.33 -12.32 5.45
N PHE D 76 47.93 -11.72 4.40
CA PHE D 76 49.41 -11.68 4.30
C PHE D 76 49.94 -10.94 5.52
N GLN D 77 50.86 -11.58 6.23
CA GLN D 77 51.44 -11.04 7.46
C GLN D 77 52.09 -9.69 7.22
N SER D 78 52.67 -9.52 6.03
CA SER D 78 53.46 -8.34 5.75
C SER D 78 52.59 -7.12 5.53
N GLY D 79 51.30 -7.31 5.24
CA GLY D 79 50.48 -6.15 4.83
C GLY D 79 50.55 -5.84 3.31
N ASN D 80 51.35 -6.63 2.59
CA ASN D 80 51.45 -6.57 1.11
C ASN D 80 50.80 -7.79 0.51
N ASP D 81 50.04 -7.58 -0.57
CA ASP D 81 49.38 -8.66 -1.30
C ASP D 81 49.39 -8.27 -2.75
N ASN D 82 50.45 -8.70 -3.46
CA ASN D 82 50.69 -8.28 -4.81
C ASN D 82 51.67 -9.21 -5.50
N ASN D 83 51.89 -8.98 -6.80
CA ASN D 83 52.78 -9.81 -7.62
C ASN D 83 54.13 -9.16 -7.93
N CYS D 84 54.54 -8.16 -7.14
CA CYS D 84 55.84 -7.54 -7.31
C CYS D 84 56.96 -8.39 -6.68
N THR D 85 58.19 -8.11 -7.03
CA THR D 85 59.35 -8.80 -6.50
C THR D 85 59.37 -8.74 -4.98
N GLY D 86 59.64 -9.89 -4.36
CA GLY D 86 59.55 -10.12 -2.92
C GLY D 86 58.25 -10.78 -2.47
N ASP D 87 57.33 -10.97 -3.42
CA ASP D 87 56.10 -11.76 -3.20
C ASP D 87 56.54 -13.14 -2.81
N GLY D 88 56.20 -13.53 -1.59
CA GLY D 88 56.73 -14.74 -0.97
C GLY D 88 57.71 -14.54 0.19
N THR D 89 58.22 -13.33 0.37
CA THR D 89 59.08 -12.96 1.48
C THR D 89 58.53 -11.83 2.34
N GLY D 90 57.38 -11.24 1.94
CA GLY D 90 56.79 -10.11 2.62
C GLY D 90 57.47 -8.78 2.32
N LYS D 91 58.46 -8.76 1.42
CA LYS D 91 59.26 -7.56 1.12
C LYS D 91 58.76 -6.80 -0.07
N ASN D 92 57.59 -7.16 -0.53
CA ASN D 92 57.03 -6.58 -1.75
C ASN D 92 56.15 -5.38 -1.46
N ASP D 93 56.80 -4.30 -1.03
CA ASP D 93 56.14 -3.04 -0.65
C ASP D 93 56.09 -2.11 -1.87
N LEU D 94 55.64 -0.86 -1.65
CA LEU D 94 55.59 0.07 -2.79
C LEU D 94 56.96 0.21 -3.46
N GLU D 95 57.98 0.41 -2.64
CA GLU D 95 59.30 0.60 -3.21
C GLU D 95 59.76 -0.56 -4.11
N ALA D 96 59.45 -1.79 -3.71
CA ALA D 96 59.77 -2.94 -4.53
C ALA D 96 59.01 -2.95 -5.85
N CYS D 97 57.72 -2.63 -5.83
CA CYS D 97 56.96 -2.55 -7.08
C CYS D 97 57.51 -1.46 -8.00
N LEU D 98 57.86 -0.29 -7.46
CA LEU D 98 58.45 0.75 -8.28
C LEU D 98 59.79 0.27 -8.87
N ASN D 99 60.58 -0.44 -8.07
CA ASN D 99 61.84 -0.97 -8.54
C ASN D 99 61.66 -1.95 -9.66
N ASP D 100 60.57 -2.71 -9.64
CA ASP D 100 60.33 -3.61 -10.79
C ASP D 100 60.16 -2.81 -12.12
N VAL D 101 59.50 -1.67 -12.08
CA VAL D 101 59.38 -0.82 -13.24
C VAL D 101 60.74 -0.22 -13.63
N LYS D 102 61.48 0.32 -12.66
CA LYS D 102 62.80 0.93 -12.89
C LYS D 102 63.70 -0.11 -13.55
N ASN D 103 63.67 -1.35 -13.04
CA ASN D 103 64.53 -2.40 -13.58
C ASN D 103 64.13 -2.81 -14.98
N TRP D 104 62.82 -2.90 -15.23
CA TRP D 104 62.36 -3.17 -16.60
C TRP D 104 62.83 -2.05 -17.57
N SER D 105 62.69 -0.80 -17.13
CA SER D 105 63.08 0.32 -17.97
C SER D 105 64.58 0.22 -18.29
N ASP D 106 65.42 -0.10 -17.27
CA ASP D 106 66.87 -0.25 -17.51
C ASP D 106 67.21 -1.31 -18.57
N LYS D 107 66.42 -2.37 -18.57
CA LYS D 107 66.62 -3.49 -19.49
C LYS D 107 66.06 -3.27 -20.90
N HIS D 108 65.24 -2.23 -21.05
CA HIS D 108 64.58 -1.93 -22.33
C HIS D 108 64.83 -0.50 -22.75
N PRO D 109 66.12 -0.14 -22.99
CA PRO D 109 66.39 1.22 -23.48
C PRO D 109 65.60 1.53 -24.76
N GLY D 110 65.12 2.75 -24.87
CA GLY D 110 64.29 3.18 -25.99
C GLY D 110 62.83 2.86 -25.88
N HIS D 111 62.38 2.45 -24.67
CA HIS D 111 61.01 2.05 -24.51
C HIS D 111 60.05 3.22 -24.64
N PHE D 112 58.88 2.87 -25.17
CA PHE D 112 57.73 3.76 -25.13
C PHE D 112 57.51 4.23 -23.66
N PRO D 113 57.16 5.53 -23.45
CA PRO D 113 56.96 5.97 -22.05
C PRO D 113 56.00 5.12 -21.24
N ILE D 114 56.45 4.78 -20.03
CA ILE D 114 55.62 4.04 -19.08
C ILE D 114 54.85 5.04 -18.22
N THR D 115 53.55 4.80 -18.05
CA THR D 115 52.71 5.58 -17.17
C THR D 115 52.29 4.66 -16.02
N LEU D 116 52.47 5.15 -14.81
N LEU D 116 52.58 5.09 -14.80
CA LEU D 116 52.19 4.37 -13.62
CA LEU D 116 52.18 4.36 -13.57
C LEU D 116 51.16 5.12 -12.76
C LEU D 116 51.13 5.14 -12.79
N ILE D 117 49.96 4.55 -12.63
CA ILE D 117 48.87 5.11 -11.86
C ILE D 117 49.10 4.63 -10.41
N LEU D 118 49.27 5.60 -9.53
CA LEU D 118 49.55 5.40 -8.11
C LEU D 118 48.27 5.76 -7.40
N ASP D 119 47.49 4.73 -7.06
CA ASP D 119 46.15 4.90 -6.50
C ASP D 119 46.26 4.84 -5.01
N LYS D 120 46.25 6.02 -4.39
CA LYS D 120 46.44 6.18 -2.98
C LYS D 120 45.18 5.83 -2.23
N LYS D 121 45.28 4.95 -1.23
CA LYS D 121 44.09 4.43 -0.55
C LYS D 121 43.73 5.04 0.80
N GLN D 122 44.68 5.77 1.37
CA GLN D 122 44.48 6.46 2.62
C GLN D 122 44.90 7.92 2.49
N GLY D 123 44.56 8.69 3.50
CA GLY D 123 44.93 10.09 3.53
C GLY D 123 46.41 10.32 3.69
N TRP D 124 46.82 11.58 3.54
CA TRP D 124 48.21 11.92 3.83
C TRP D 124 48.45 11.83 5.34
N SER D 125 49.49 11.10 5.70
CA SER D 125 49.81 11.03 7.11
C SER D 125 50.44 12.39 7.45
N LYS D 126 50.35 12.67 8.73
CA LYS D 126 50.62 14.01 9.24
C LYS D 126 52.09 14.34 9.33
N GLU D 127 52.38 15.57 9.78
CA GLU D 127 53.72 16.05 9.93
C GLU D 127 54.52 15.11 10.84
N SER D 128 55.78 14.87 10.48
CA SER D 128 56.75 13.98 11.17
C SER D 128 56.53 12.49 10.98
N SER D 129 55.55 12.10 10.15
CA SER D 129 55.20 10.67 9.98
C SER D 129 56.13 9.96 9.01
N GLY D 130 56.85 10.74 8.19
CA GLY D 130 57.64 10.21 7.05
C GLY D 130 56.82 9.74 5.88
N ARG D 131 55.54 10.15 5.83
CA ARG D 131 54.68 9.77 4.71
C ARG D 131 53.86 10.99 4.19
N THR D 132 54.46 12.15 4.26
CA THR D 132 53.84 13.36 3.74
C THR D 132 54.05 13.45 2.22
N PRO D 133 53.41 14.45 1.59
CA PRO D 133 53.69 14.61 0.15
C PRO D 133 55.17 14.70 -0.22
N LYS D 134 55.96 15.44 0.58
CA LYS D 134 57.39 15.52 0.31
C LYS D 134 58.10 14.15 0.39
N ASP D 135 57.71 13.40 1.40
CA ASP D 135 58.30 12.07 1.56
C ASP D 135 57.97 11.17 0.38
N PHE D 136 56.74 11.30 -0.13
CA PHE D 136 56.35 10.53 -1.29
C PHE D 136 57.19 10.88 -2.51
N ASP D 137 57.32 12.18 -2.77
CA ASP D 137 58.19 12.62 -3.87
C ASP D 137 59.66 12.14 -3.69
N GLU D 138 60.15 12.10 -2.46
CA GLU D 138 61.52 11.69 -2.24
C GLU D 138 61.67 10.22 -2.55
N LEU D 139 60.67 9.41 -2.20
CA LEU D 139 60.73 7.98 -2.55
C LEU D 139 60.78 7.78 -4.07
N VAL D 140 59.85 8.40 -4.79
CA VAL D 140 59.74 8.12 -6.23
C VAL D 140 60.94 8.65 -6.95
N ALA D 141 61.47 9.77 -6.48
CA ALA D 141 62.70 10.33 -7.09
C ALA D 141 63.89 9.39 -6.81
N ARG D 142 64.01 8.90 -5.58
CA ARG D 142 65.09 8.00 -5.23
C ARG D 142 65.09 6.76 -6.12
N VAL D 143 63.92 6.16 -6.32
CA VAL D 143 63.84 5.00 -7.14
C VAL D 143 64.14 5.27 -8.59
N PHE D 144 63.44 6.26 -9.17
CA PHE D 144 63.49 6.47 -10.61
C PHE D 144 64.59 7.43 -11.10
N GLN D 145 65.10 8.28 -10.20
CA GLN D 145 66.12 9.28 -10.56
C GLN D 145 65.70 10.04 -11.81
N GLY D 146 66.55 10.07 -12.82
CA GLY D 146 66.30 10.85 -13.99
C GLY D 146 65.32 10.24 -14.96
N LYS D 147 64.70 9.09 -14.64
CA LYS D 147 63.73 8.52 -15.56
C LYS D 147 62.42 9.27 -15.61
N LEU D 148 62.14 10.08 -14.59
CA LEU D 148 60.81 10.74 -14.53
C LEU D 148 60.67 11.84 -15.59
N PHE D 149 59.42 11.96 -16.08
CA PHE D 149 58.92 13.14 -16.78
C PHE D 149 57.81 13.71 -15.90
N THR D 150 57.97 14.96 -15.47
CA THR D 150 57.15 15.56 -14.44
C THR D 150 56.29 16.69 -14.99
N PRO D 151 55.37 17.22 -14.15
CA PRO D 151 54.60 18.41 -14.59
C PRO D 151 55.44 19.57 -15.01
N GLN D 152 56.52 19.88 -14.28
CA GLN D 152 57.37 20.97 -14.72
C GLN D 152 58.00 20.72 -16.09
N ASP D 153 58.38 19.46 -16.37
CA ASP D 153 58.90 19.14 -17.73
C ASP D 153 57.88 19.39 -18.84
N LEU D 154 56.65 19.07 -18.56
CA LEU D 154 55.55 19.41 -19.49
C LEU D 154 55.31 20.90 -19.65
N ALA D 155 55.33 21.61 -18.52
CA ALA D 155 55.15 23.05 -18.53
C ALA D 155 56.24 23.74 -19.35
N THR D 156 57.48 23.32 -19.17
CA THR D 156 58.57 23.87 -19.94
C THR D 156 58.36 23.62 -21.44
N HIS D 157 57.96 22.39 -21.78
CA HIS D 157 57.65 22.06 -23.19
C HIS D 157 56.67 22.97 -23.84
N ILE D 158 55.58 23.31 -23.13
CA ILE D 158 54.55 24.19 -23.71
C ILE D 158 54.76 25.66 -23.46
N GLY D 159 55.84 26.02 -22.78
CA GLY D 159 56.12 27.43 -22.51
C GLY D 159 55.33 28.09 -21.39
N SER D 160 54.93 27.29 -20.39
CA SER D 160 54.03 27.70 -19.29
C SER D 160 54.69 27.47 -17.96
N GLY D 161 54.18 28.17 -16.95
CA GLY D 161 54.40 27.73 -15.61
C GLY D 161 53.60 26.46 -15.33
N ALA D 162 54.13 25.61 -14.46
CA ALA D 162 53.42 24.37 -14.14
C ALA D 162 52.04 24.65 -13.50
N GLY D 163 51.91 25.77 -12.75
CA GLY D 163 50.63 26.07 -12.16
C GLY D 163 49.57 26.61 -13.09
N ALA D 164 49.94 26.81 -14.36
CA ALA D 164 49.00 27.18 -15.42
C ALA D 164 48.77 26.09 -16.44
N LEU D 165 49.20 24.86 -16.14
CA LEU D 165 48.96 23.75 -17.09
C LEU D 165 47.50 23.56 -17.46
N GLN D 166 46.60 23.71 -16.47
CA GLN D 166 45.22 23.35 -16.61
C GLN D 166 44.62 23.90 -17.91
N GLY D 167 44.73 25.21 -18.07
CA GLY D 167 44.18 25.91 -19.22
C GLY D 167 45.18 26.16 -20.32
N ASN D 168 46.46 26.30 -19.97
CA ASN D 168 47.45 26.56 -21.03
C ASN D 168 47.69 25.34 -21.92
N LEU D 169 47.29 24.17 -21.47
CA LEU D 169 47.42 22.96 -22.32
C LEU D 169 46.46 22.98 -23.50
N LYS D 170 45.34 23.68 -23.39
CA LYS D 170 44.36 23.66 -24.45
C LYS D 170 45.02 24.21 -25.74
N GLY D 171 44.95 23.41 -26.78
CA GLY D 171 45.57 23.78 -28.06
C GLY D 171 47.03 23.40 -28.20
N LYS D 172 47.62 22.78 -27.15
CA LYS D 172 49.07 22.51 -27.12
C LYS D 172 49.27 20.99 -27.19
N SER D 173 50.43 20.60 -27.71
CA SER D 173 50.84 19.22 -27.80
C SER D 173 51.86 18.87 -26.75
N TRP D 174 51.68 17.71 -26.16
CA TRP D 174 52.72 17.09 -25.31
C TRP D 174 53.90 16.68 -26.18
N PRO D 175 55.07 16.39 -25.57
CA PRO D 175 56.13 15.76 -26.36
C PRO D 175 55.63 14.48 -26.98
N THR D 176 56.24 14.08 -28.09
CA THR D 176 55.83 12.85 -28.77
C THR D 176 56.32 11.61 -28.02
N ALA D 177 55.76 10.44 -28.30
CA ALA D 177 56.29 9.21 -27.77
C ALA D 177 57.78 9.05 -28.03
N ASN D 178 58.24 9.44 -29.22
CA ASN D 178 59.67 9.36 -29.48
C ASN D 178 60.47 10.27 -28.55
N ASP D 179 59.98 11.51 -28.36
CA ASP D 179 60.62 12.44 -27.43
C ASP D 179 60.66 11.87 -26.01
N LEU D 180 59.68 11.01 -25.66
CA LEU D 180 59.55 10.45 -24.31
C LEU D 180 60.09 9.01 -24.20
N GLN D 181 60.98 8.60 -25.13
CA GLN D 181 61.62 7.29 -25.01
C GLN D 181 62.32 7.20 -23.67
N GLY D 182 62.12 6.08 -23.01
CA GLY D 182 62.83 5.81 -21.76
C GLY D 182 62.25 6.51 -20.53
N LYS D 183 61.13 7.21 -20.68
CA LYS D 183 60.59 7.98 -19.58
C LYS D 183 59.50 7.19 -18.81
N VAL D 184 59.36 7.62 -17.56
CA VAL D 184 58.34 7.11 -16.66
C VAL D 184 57.51 8.34 -16.24
N LEU D 185 56.20 8.25 -16.34
CA LEU D 185 55.25 9.27 -15.85
C LEU D 185 54.46 8.69 -14.68
N LEU D 186 54.46 9.38 -13.56
CA LEU D 186 53.73 8.93 -12.40
C LEU D 186 52.47 9.78 -12.26
N VAL D 187 51.39 9.13 -11.88
CA VAL D 187 50.08 9.72 -11.77
C VAL D 187 49.48 9.42 -10.41
N LEU D 188 48.94 10.43 -9.74
CA LEU D 188 48.32 10.26 -8.43
C LEU D 188 46.79 10.20 -8.60
N ASN D 189 46.21 9.16 -8.01
CA ASN D 189 44.76 9.06 -7.90
C ASN D 189 44.42 8.86 -6.42
N HIS D 190 43.18 9.21 -6.11
CA HIS D 190 42.55 8.98 -4.81
C HIS D 190 41.06 9.13 -5.01
N SER D 191 40.26 8.48 -4.17
CA SER D 191 38.80 8.67 -4.26
C SER D 191 38.30 10.08 -3.93
N GLU D 192 39.11 10.84 -3.22
CA GLU D 192 38.80 12.19 -2.75
C GLU D 192 39.80 13.16 -3.37
N ASN D 193 39.28 14.11 -4.14
CA ASN D 193 40.15 15.10 -4.77
C ASN D 193 40.89 15.97 -3.75
N GLN D 194 40.33 16.10 -2.56
CA GLN D 194 41.02 16.86 -1.49
C GLN D 194 42.46 16.35 -1.27
N LYS D 195 42.70 15.06 -1.40
CA LYS D 195 44.04 14.51 -1.19
C LYS D 195 45.02 14.92 -2.30
N LEU D 196 44.49 15.08 -3.50
CA LEU D 196 45.29 15.59 -4.60
C LEU D 196 45.60 17.06 -4.38
N SER D 197 44.61 17.81 -3.91
CA SER D 197 44.82 19.24 -3.69
C SER D 197 45.87 19.42 -2.60
N GLN D 198 45.84 18.58 -1.56
CA GLN D 198 46.84 18.65 -0.48
C GLN D 198 48.26 18.41 -1.07
N TYR D 199 48.37 17.39 -1.92
CA TYR D 199 49.64 17.13 -2.55
C TYR D 199 50.10 18.32 -3.38
N ALA D 200 49.25 18.85 -4.26
CA ALA D 200 49.70 19.98 -5.11
C ALA D 200 50.01 21.24 -4.30
N GLU D 201 49.26 21.57 -3.25
CA GLU D 201 49.60 22.75 -2.41
C GLU D 201 50.96 22.57 -1.75
N ALA D 202 51.27 21.34 -1.33
CA ALA D 202 52.58 21.04 -0.69
C ALA D 202 53.73 21.08 -1.69
N ARG D 203 53.56 20.51 -2.89
CA ARG D 203 54.66 20.32 -3.81
C ARG D 203 54.78 21.33 -4.97
N THR D 204 53.66 21.98 -5.32
CA THR D 204 53.60 22.99 -6.39
C THR D 204 54.40 22.52 -7.65
N SER D 205 55.28 23.38 -8.15
N SER D 205 55.25 23.38 -8.19
CA SER D 205 56.01 23.11 -9.39
CA SER D 205 55.94 23.03 -9.45
C SER D 205 57.13 22.06 -9.21
C SER D 205 57.08 22.00 -9.22
N LYS D 206 57.42 21.70 -7.96
CA LYS D 206 58.42 20.68 -7.65
C LYS D 206 57.83 19.28 -7.74
N ALA D 207 56.51 19.15 -7.87
CA ALA D 207 55.90 17.83 -7.88
C ALA D 207 56.56 16.83 -8.80
N LYS D 208 56.81 15.63 -8.29
CA LYS D 208 57.28 14.55 -9.16
C LYS D 208 56.18 13.79 -9.86
N VAL D 209 54.95 13.95 -9.42
CA VAL D 209 53.81 13.18 -9.85
C VAL D 209 52.73 14.13 -10.43
N PHE D 210 52.07 13.69 -11.50
CA PHE D 210 50.92 14.36 -12.04
C PHE D 210 49.67 14.05 -11.21
N ILE D 211 48.88 15.06 -10.84
CA ILE D 211 47.61 14.79 -10.17
C ILE D 211 46.55 14.54 -11.22
N SER D 212 45.65 13.62 -10.97
CA SER D 212 44.60 13.25 -11.91
C SER D 212 43.27 13.11 -11.17
N PRO D 213 42.53 14.24 -11.04
CA PRO D 213 41.33 14.19 -10.18
C PRO D 213 40.17 13.39 -10.76
N VAL D 214 39.35 12.92 -9.83
CA VAL D 214 38.07 12.34 -10.15
C VAL D 214 37.30 13.40 -10.93
N THR D 215 36.76 13.01 -12.09
CA THR D 215 36.17 13.94 -13.05
C THR D 215 34.76 13.48 -13.34
N ASN D 216 33.80 14.36 -13.03
CA ASN D 216 32.39 14.11 -13.31
C ASN D 216 31.66 15.39 -13.71
N GLY D 217 32.40 16.38 -14.19
CA GLY D 217 31.82 17.58 -14.75
C GLY D 217 32.87 18.41 -15.39
N GLN D 218 32.47 19.39 -16.20
CA GLN D 218 33.44 20.23 -16.91
C GLN D 218 34.43 20.95 -15.97
N ASN D 219 33.92 21.45 -14.85
CA ASN D 219 34.80 22.18 -13.94
C ASN D 219 35.96 21.32 -13.39
N ASP D 220 35.83 20.00 -13.41
CA ASP D 220 36.91 19.12 -12.97
C ASP D 220 38.06 19.03 -14.00
N ILE D 221 37.81 19.45 -15.26
CA ILE D 221 38.82 19.61 -16.27
C ILE D 221 39.38 21.02 -16.25
N SER D 222 38.49 22.01 -16.37
CA SER D 222 38.91 23.35 -16.71
C SER D 222 38.56 24.44 -15.78
N GLY D 223 37.86 24.09 -14.69
CA GLY D 223 37.38 25.07 -13.72
C GLY D 223 38.03 24.91 -12.36
N LYS D 224 37.35 25.35 -11.31
CA LYS D 224 37.81 25.07 -9.96
C LYS D 224 37.35 23.63 -9.68
N VAL D 225 38.30 22.72 -9.63
CA VAL D 225 38.01 21.30 -9.53
C VAL D 225 37.34 20.96 -8.21
N SER D 226 36.32 20.10 -8.28
CA SER D 226 35.59 19.65 -7.12
C SER D 226 36.57 19.18 -6.06
N GLY D 227 36.46 19.73 -4.84
CA GLY D 227 37.30 19.28 -3.72
C GLY D 227 38.71 19.85 -3.70
N MET D 228 39.01 20.80 -4.60
CA MET D 228 40.36 21.38 -4.71
C MET D 228 40.34 22.89 -4.65
N SER D 229 41.47 23.46 -4.31
CA SER D 229 41.69 24.90 -4.40
C SER D 229 41.93 25.37 -5.83
N SER D 230 41.87 26.68 -6.03
CA SER D 230 42.26 27.28 -7.33
C SER D 230 43.72 26.91 -7.67
N GLN D 231 44.64 27.08 -6.73
CA GLN D 231 46.03 26.73 -6.94
C GLN D 231 46.15 25.32 -7.46
N SER D 232 45.53 24.36 -6.75
CA SER D 232 45.73 22.98 -7.10
C SER D 232 45.10 22.63 -8.47
N SER D 233 43.94 23.23 -8.74
CA SER D 233 43.27 23.08 -10.01
C SER D 233 44.20 23.44 -11.16
N GLY D 234 45.03 24.47 -10.99
CA GLY D 234 45.87 24.92 -12.11
C GLY D 234 46.92 23.90 -12.55
N TYR D 235 47.32 22.98 -11.68
CA TYR D 235 48.28 21.93 -12.02
C TYR D 235 47.68 20.76 -12.77
N VAL D 236 46.37 20.75 -12.99
CA VAL D 236 45.74 19.57 -13.53
C VAL D 236 46.02 19.41 -15.04
N ALA D 237 46.69 18.29 -15.37
CA ALA D 237 47.06 17.95 -16.74
C ALA D 237 46.56 16.57 -17.12
N MET D 238 45.80 15.95 -16.21
N MET D 238 45.82 15.94 -16.21
CA MET D 238 45.30 14.59 -16.35
CA MET D 238 45.27 14.59 -16.37
C MET D 238 43.94 14.53 -15.65
C MET D 238 43.95 14.52 -15.65
N ASN D 239 43.07 13.62 -16.10
CA ASN D 239 41.77 13.46 -15.52
C ASN D 239 41.39 12.00 -15.45
N ASN D 240 40.75 11.59 -14.34
CA ASN D 240 40.43 10.17 -14.09
C ASN D 240 38.90 10.03 -14.02
N MET D 241 38.35 9.11 -14.81
N MET D 241 38.35 9.10 -14.81
CA MET D 241 36.90 8.94 -14.94
CA MET D 241 36.90 8.96 -15.00
C MET D 241 36.55 7.48 -14.74
C MET D 241 36.53 7.50 -14.77
N GLY D 242 35.54 7.25 -13.93
CA GLY D 242 34.88 5.94 -13.92
C GLY D 242 33.96 5.79 -15.11
N LYS D 243 33.40 4.61 -15.25
CA LYS D 243 32.61 4.23 -16.42
C LYS D 243 31.48 5.21 -16.73
N GLY D 244 30.79 5.63 -15.67
CA GLY D 244 29.66 6.56 -15.81
C GLY D 244 30.04 7.93 -16.30
N ASP D 245 31.33 8.27 -16.17
CA ASP D 245 31.81 9.61 -16.45
C ASP D 245 32.66 9.68 -17.71
N LYS D 246 32.67 8.62 -18.53
CA LYS D 246 33.61 8.55 -19.62
C LYS D 246 33.35 9.55 -20.70
N SER D 247 32.13 10.12 -20.78
CA SER D 247 31.87 11.19 -21.74
C SER D 247 32.83 12.35 -21.59
N TRP D 248 33.33 12.58 -20.35
CA TRP D 248 34.25 13.70 -20.09
C TRP D 248 35.61 13.48 -20.71
N ALA D 249 35.93 12.27 -21.21
CA ALA D 249 37.22 12.13 -21.91
C ALA D 249 37.36 13.00 -23.13
N LYS D 250 36.27 13.26 -23.84
CA LYS D 250 36.32 14.18 -24.98
C LYS D 250 36.79 15.57 -24.59
N GLN D 251 36.40 16.03 -23.39
CA GLN D 251 36.86 17.31 -22.87
C GLN D 251 38.31 17.25 -22.39
N ALA D 252 38.71 16.15 -21.80
CA ALA D 252 40.14 15.94 -21.48
C ALA D 252 40.95 16.07 -22.75
N PHE D 253 40.49 15.40 -23.80
CA PHE D 253 41.15 15.52 -25.11
C PHE D 253 41.21 16.94 -25.65
N ALA D 254 40.09 17.66 -25.57
CA ALA D 254 40.06 19.03 -26.01
C ALA D 254 41.05 19.88 -25.28
N TYR D 255 41.25 19.61 -24.00
CA TYR D 255 42.18 20.35 -23.17
C TYR D 255 43.61 19.80 -23.13
N SER D 256 43.94 18.81 -23.95
CA SER D 256 45.24 18.17 -23.89
C SER D 256 45.59 17.70 -22.48
N HIS D 257 44.58 17.23 -21.75
CA HIS D 257 44.80 16.53 -20.49
C HIS D 257 44.73 15.03 -20.79
N ILE D 258 45.61 14.24 -20.18
CA ILE D 258 45.55 12.81 -20.35
C ILE D 258 44.38 12.20 -19.59
N GLY D 259 43.43 11.67 -20.33
CA GLY D 259 42.22 11.08 -19.75
C GLY D 259 42.31 9.61 -19.61
N ARG D 260 41.89 9.15 -18.46
CA ARG D 260 41.85 7.72 -18.13
C ARG D 260 40.48 7.33 -17.72
N VAL D 261 39.99 6.21 -18.24
CA VAL D 261 38.69 5.62 -17.91
C VAL D 261 38.88 4.24 -17.38
N TRP D 262 38.31 4.00 -16.20
CA TRP D 262 38.37 2.69 -15.58
C TRP D 262 36.98 2.17 -15.35
N GLY D 263 36.87 0.84 -15.23
CA GLY D 263 35.58 0.20 -15.00
C GLY D 263 34.75 -0.18 -16.22
N ASP D 264 35.23 0.12 -17.43
CA ASP D 264 34.40 -0.03 -18.64
C ASP D 264 34.86 -1.21 -19.51
N ASP D 265 34.99 -2.35 -18.86
CA ASP D 265 35.69 -3.51 -19.47
C ASP D 265 34.97 -4.17 -20.62
N GLU D 266 33.64 -4.01 -20.68
CA GLU D 266 32.84 -4.62 -21.73
C GLU D 266 32.86 -3.86 -23.06
N VAL D 267 33.48 -2.71 -23.05
CA VAL D 267 33.58 -1.89 -24.26
C VAL D 267 34.94 -2.09 -24.89
N SER D 268 34.99 -2.22 -26.21
CA SER D 268 36.25 -2.55 -26.90
C SER D 268 37.25 -1.38 -26.93
N PHE D 269 38.52 -1.70 -27.11
CA PHE D 269 39.53 -0.64 -27.22
C PHE D 269 39.23 0.27 -28.44
N ALA D 270 38.80 -0.34 -29.55
CA ALA D 270 38.44 0.45 -30.73
C ALA D 270 37.39 1.52 -30.40
N GLN D 271 36.36 1.15 -29.61
CA GLN D 271 35.36 2.10 -29.20
C GLN D 271 35.91 3.18 -28.29
N HIS D 272 36.74 2.79 -27.32
CA HIS D 272 37.35 3.77 -26.48
C HIS D 272 38.21 4.74 -27.26
N ILE D 273 38.88 4.28 -28.31
CA ILE D 273 39.65 5.20 -29.20
C ILE D 273 38.69 6.23 -29.81
N ASN D 274 37.56 5.77 -30.31
N ASN D 274 37.57 5.74 -30.31
CA ASN D 274 36.59 6.71 -30.90
CA ASN D 274 36.52 6.60 -30.90
C ASN D 274 36.05 7.73 -29.89
C ASN D 274 36.00 7.66 -29.91
N GLN D 275 36.00 7.32 -28.63
CA GLN D 275 35.55 8.17 -27.53
C GLN D 275 36.64 9.10 -26.94
N LYS D 276 37.83 9.11 -27.56
CA LYS D 276 38.92 10.06 -27.26
C LYS D 276 39.50 9.82 -25.87
N ILE D 277 39.56 8.55 -25.49
CA ILE D 277 40.15 8.15 -24.21
C ILE D 277 41.63 7.82 -24.38
N ASN D 278 42.52 8.53 -23.67
CA ASN D 278 43.94 8.22 -23.72
C ASN D 278 44.27 6.88 -23.09
N LEU D 279 43.77 6.62 -21.88
CA LEU D 279 44.14 5.43 -21.14
C LEU D 279 42.92 4.64 -20.77
N SER D 280 42.73 3.46 -21.37
CA SER D 280 41.54 2.67 -21.12
C SER D 280 41.94 1.51 -20.23
N ALA D 281 41.51 1.53 -18.97
CA ALA D 281 41.98 0.55 -17.99
C ALA D 281 41.12 -0.67 -18.00
N TYR D 282 41.74 -1.83 -18.19
CA TYR D 282 41.09 -3.12 -18.20
C TYR D 282 41.72 -4.11 -17.26
N TYR D 283 40.90 -4.89 -16.54
CA TYR D 283 41.45 -5.97 -15.78
C TYR D 283 42.18 -6.98 -16.68
N ARG D 284 41.50 -7.35 -17.78
CA ARG D 284 42.02 -8.31 -18.78
C ARG D 284 42.66 -7.54 -19.94
N PHE D 285 43.76 -6.86 -19.62
CA PHE D 285 44.40 -5.98 -20.59
C PHE D 285 44.93 -6.70 -21.83
N ALA D 286 45.48 -7.93 -21.66
CA ALA D 286 46.08 -8.62 -22.78
C ALA D 286 45.07 -9.02 -23.85
N ALA D 287 43.81 -9.20 -23.45
CA ALA D 287 42.73 -9.54 -24.36
C ALA D 287 42.26 -8.38 -25.27
N GLN D 288 42.70 -7.16 -25.00
CA GLN D 288 42.23 -6.03 -25.74
C GLN D 288 43.23 -5.65 -26.83
N SER D 289 42.72 -5.20 -27.97
CA SER D 289 43.54 -4.65 -29.04
C SER D 289 42.56 -4.06 -30.04
N ALA D 290 43.11 -3.24 -30.95
CA ALA D 290 42.41 -2.68 -32.08
C ALA D 290 43.35 -2.68 -33.28
N GLY D 291 42.97 -3.35 -34.35
CA GLY D 291 43.89 -3.51 -35.48
C GLY D 291 45.22 -4.18 -35.14
N GLY D 292 45.18 -5.05 -34.11
CA GLY D 292 46.36 -5.75 -33.60
C GLY D 292 47.22 -4.97 -32.59
N TYR D 293 46.80 -3.76 -32.27
CA TYR D 293 47.63 -2.86 -31.46
C TYR D 293 46.97 -2.56 -30.12
N ARG D 294 47.78 -2.37 -29.08
CA ARG D 294 47.29 -1.84 -27.78
C ARG D 294 47.68 -0.41 -27.55
N ILE D 295 48.48 0.17 -28.44
CA ILE D 295 48.79 1.61 -28.41
C ILE D 295 48.71 2.13 -29.86
N ARG D 296 47.98 3.20 -30.12
N ARG D 296 47.87 3.15 -30.09
CA ARG D 296 47.99 3.79 -31.44
CA ARG D 296 47.51 3.67 -31.41
C ARG D 296 47.43 5.19 -31.32
C ARG D 296 47.26 5.21 -31.31
N PRO D 297 47.68 6.02 -32.32
CA PRO D 297 47.09 7.37 -32.41
C PRO D 297 45.60 7.24 -32.59
N PHE D 298 44.88 8.28 -32.10
CA PHE D 298 43.44 8.38 -32.31
C PHE D 298 43.08 8.41 -33.79
C1 INS E . 27.38 10.10 9.24
C2 INS E . 26.67 10.60 10.50
C3 INS E . 25.93 11.88 10.34
C4 INS E . 25.26 12.05 9.03
C5 INS E . 25.90 11.53 7.82
C6 INS E . 26.62 10.25 7.97
O1 INS E . 27.64 8.72 9.50
O2 INS E . 25.72 9.58 10.83
O3 INS E . 25.12 12.19 11.47
O4 INS E . 24.66 13.32 8.92
O5 INS E . 25.21 11.70 6.60
O6 INS E . 27.27 9.79 6.83
CA CA F . 23.53 8.61 10.81
P PO4 G . 3.99 15.04 -8.45
O1 PO4 G . 3.11 13.83 -8.74
O2 PO4 G . 4.12 15.27 -6.95
O3 PO4 G . 5.40 14.80 -8.96
O4 PO4 G . 3.36 16.22 -9.18
C1 INS H . -30.28 -0.41 7.92
C2 INS H . -29.89 0.40 9.11
C3 INS H . -29.21 -0.32 10.22
C4 INS H . -28.27 -1.41 9.89
C5 INS H . -28.69 -2.20 8.70
C6 INS H . -29.29 -1.49 7.59
O1 INS H . -30.46 0.52 6.83
O2 INS H . -28.92 1.35 8.65
O3 INS H . -28.79 0.52 11.24
O4 INS H . -27.86 -2.12 11.04
O5 INS H . -27.78 -3.28 8.41
O6 INS H . -29.66 -2.29 6.50
CA CA I . -26.67 2.14 8.30
P PO4 J . -4.55 -15.50 7.73
O1 PO4 J . -3.86 -16.56 8.53
O2 PO4 J . -4.84 -14.21 8.52
O3 PO4 J . -3.66 -15.19 6.55
O4 PO4 J . -5.84 -16.10 7.17
C1 INS K . -38.07 -12.36 -9.29
C2 INS K . -38.45 -12.97 -10.62
C3 INS K . -38.97 -14.36 -10.56
C4 INS K . -39.86 -14.67 -9.42
C5 INS K . -39.55 -14.00 -8.16
C6 INS K . -39.06 -12.64 -8.21
O1 INS K . -37.94 -10.95 -9.59
O2 INS K . -39.45 -12.16 -11.23
O3 INS K . -39.41 -14.84 -11.79
O4 INS K . -40.15 -16.06 -9.38
O5 INS K . -40.42 -14.33 -7.07
O6 INS K . -38.72 -12.07 -6.96
CA CA L . -41.76 -11.59 -11.70
C1 INS M . 39.30 2.76 -8.50
C2 INS M . 40.09 2.09 -9.61
C3 INS M . 40.88 2.99 -10.46
C4 INS M . 41.47 4.16 -9.85
C5 INS M . 40.71 4.81 -8.75
C6 INS M . 39.99 3.94 -7.86
O1 INS M . 38.99 1.74 -7.55
O2 INS M . 40.99 1.22 -8.89
O3 INS M . 41.73 2.28 -11.34
O4 INS M . 42.03 5.03 -10.81
O5 INS M . 41.32 5.92 -8.14
O6 INS M . 39.27 4.56 -6.85
CA CA N . 43.20 0.74 -7.97
P PO4 O . 60.93 21.47 -1.05
O1 PO4 O . 61.31 20.32 -1.98
O2 PO4 O . 61.18 21.11 0.39
O3 PO4 O . 61.79 22.68 -1.44
O4 PO4 O . 59.46 21.83 -1.10
#